data_3CRJ
#
_entry.id   3CRJ
#
_cell.length_a   62.494
_cell.length_b   103.361
_cell.length_c   167.898
_cell.angle_alpha   90.00
_cell.angle_beta   90.00
_cell.angle_gamma   90.00
#
_symmetry.space_group_name_H-M   'P 21 21 21'
#
loop_
_entity.id
_entity.type
_entity.pdbx_description
1 polymer 'Transcription regulator'
2 non-polymer 'CHLORIDE ION'
#
_entity_poly.entity_id   1
_entity_poly.type   'polypeptide(L)'
_entity_poly.pdbx_seq_one_letter_code
;SNA(MSE)AGPSDRTFSDQTEEI(MSE)QATYRALREHGYADLTIQRIADEYGKSTAAVHYYYDTKDDLLAAFLDYLLER
FVDSIHDVETTDPEARLNLLLDELLVKPQENPDLSVALLE(MSE)RSQAPYKEAFSDRFRQNDEYVRY(MSE)LKAVINH
GIDEGVFTDVDAEHVTRSLLTIIDGARTRAV(MSE)LDDTEELETARQTASEYADA(MSE)LQ
;
_entity_poly.pdbx_strand_id   A,B,C,D
#
loop_
_chem_comp.id
_chem_comp.type
_chem_comp.name
_chem_comp.formula
CL non-polymer 'CHLORIDE ION' 'Cl -1'
#
# COMPACT_ATOMS: atom_id res chain seq x y z
N ARG A 10 -48.39 29.06 -27.45
CA ARG A 10 -47.76 29.90 -28.51
C ARG A 10 -46.73 30.87 -27.92
N THR A 11 -47.19 31.79 -27.05
CA THR A 11 -46.29 32.69 -26.32
C THR A 11 -45.95 32.19 -24.91
N PHE A 12 -46.58 31.07 -24.52
CA PHE A 12 -46.28 30.37 -23.25
C PHE A 12 -44.96 29.61 -23.36
N SER A 13 -44.73 28.99 -24.52
CA SER A 13 -43.49 28.25 -24.79
C SER A 13 -42.29 29.18 -24.93
N ASP A 14 -42.54 30.37 -25.46
CA ASP A 14 -41.52 31.37 -25.75
C ASP A 14 -40.89 31.88 -24.46
N GLN A 15 -41.73 32.14 -23.46
CA GLN A 15 -41.30 32.57 -22.13
C GLN A 15 -40.59 31.47 -21.35
N THR A 16 -41.15 30.26 -21.42
CA THR A 16 -40.59 29.08 -20.78
C THR A 16 -39.14 28.89 -21.26
N GLU A 17 -38.96 28.81 -22.58
CA GLU A 17 -37.65 28.67 -23.22
C GLU A 17 -36.63 29.76 -22.84
N GLU A 18 -37.03 31.03 -22.98
CA GLU A 18 -36.20 32.14 -22.54
C GLU A 18 -35.85 32.01 -21.06
N ILE A 19 -36.83 31.56 -20.26
CA ILE A 19 -36.58 31.31 -18.83
C ILE A 19 -35.66 30.11 -18.58
N MSE A 20 -35.86 29.01 -19.33
CA MSE A 20 -34.95 27.87 -19.21
C MSE A 20 -33.52 28.31 -19.53
O MSE A 20 -32.60 28.00 -18.81
CB MSE A 20 -35.38 26.71 -20.09
CG MSE A 20 -36.65 25.99 -19.63
SE MSE A 20 -36.74 25.38 -17.74
CE MSE A 20 -37.21 27.03 -16.82
N GLN A 21 -33.36 29.06 -20.61
CA GLN A 21 -32.03 29.59 -20.98
C GLN A 21 -31.40 30.45 -19.87
N ALA A 22 -32.16 31.37 -19.33
CA ALA A 22 -31.70 32.18 -18.20
C ALA A 22 -31.21 31.24 -17.10
N THR A 23 -32.01 30.23 -16.80
CA THR A 23 -31.70 29.24 -15.77
C THR A 23 -30.34 28.60 -16.04
N TYR A 24 -30.20 27.99 -17.20
CA TYR A 24 -28.92 27.49 -17.61
C TYR A 24 -27.82 28.50 -17.27
N ARG A 25 -27.95 29.75 -17.74
CA ARG A 25 -26.89 30.75 -17.58
C ARG A 25 -26.60 31.04 -16.11
N ALA A 26 -27.65 31.06 -15.30
CA ALA A 26 -27.57 31.47 -13.92
C ALA A 26 -26.95 30.34 -13.08
N LEU A 27 -27.42 29.12 -13.33
CA LEU A 27 -26.77 27.90 -12.82
C LEU A 27 -25.29 27.81 -13.20
N ARG A 28 -24.94 28.07 -14.47
CA ARG A 28 -23.55 28.07 -14.87
C ARG A 28 -22.74 29.03 -13.99
N GLU A 29 -23.28 30.20 -13.71
CA GLU A 29 -22.52 31.17 -12.90
C GLU A 29 -22.48 30.88 -11.41
N HIS A 30 -23.64 30.59 -10.81
CA HIS A 30 -23.78 30.58 -9.35
C HIS A 30 -23.77 29.23 -8.69
N GLY A 31 -23.94 28.18 -9.47
CA GLY A 31 -24.10 26.83 -8.94
C GLY A 31 -25.51 26.65 -8.38
N TYR A 32 -25.79 25.43 -7.90
CA TYR A 32 -27.10 25.17 -7.33
C TYR A 32 -27.35 25.99 -6.05
N ALA A 33 -26.50 25.85 -5.05
CA ALA A 33 -26.78 26.43 -3.74
C ALA A 33 -27.14 27.93 -3.74
N ASP A 34 -26.50 28.68 -4.63
CA ASP A 34 -26.62 30.11 -4.57
C ASP A 34 -27.54 30.61 -5.65
N LEU A 35 -28.25 29.70 -6.31
CA LEU A 35 -29.22 30.09 -7.31
C LEU A 35 -30.39 30.67 -6.57
N THR A 36 -30.96 31.71 -7.15
CA THR A 36 -32.19 32.31 -6.65
C THR A 36 -33.03 32.73 -7.85
N ILE A 37 -34.34 32.52 -7.77
CA ILE A 37 -35.26 33.15 -8.70
C ILE A 37 -34.72 34.53 -9.11
N GLN A 38 -34.33 35.33 -8.13
CA GLN A 38 -33.84 36.65 -8.42
C GLN A 38 -32.74 36.62 -9.47
N ARG A 39 -31.78 35.72 -9.28
CA ARG A 39 -30.61 35.69 -10.16
C ARG A 39 -31.00 35.16 -11.54
N ILE A 40 -31.85 34.13 -11.52
CA ILE A 40 -32.56 33.71 -12.73
C ILE A 40 -33.21 34.93 -13.40
N ALA A 41 -34.02 35.66 -12.65
CA ALA A 41 -34.68 36.82 -13.23
C ALA A 41 -33.71 37.83 -13.79
N ASP A 42 -32.63 38.12 -13.07
CA ASP A 42 -31.57 39.00 -13.62
C ASP A 42 -31.03 38.51 -14.96
N GLU A 43 -30.90 37.20 -15.12
CA GLU A 43 -30.44 36.67 -16.38
C GLU A 43 -31.50 36.66 -17.48
N TYR A 44 -32.77 36.69 -17.07
CA TYR A 44 -33.90 36.66 -17.99
C TYR A 44 -34.18 38.06 -18.52
N GLY A 45 -33.87 39.07 -17.70
CA GLY A 45 -33.93 40.46 -18.12
C GLY A 45 -35.25 41.08 -17.74
N LYS A 46 -36.16 40.25 -17.28
CA LYS A 46 -37.46 40.72 -16.80
C LYS A 46 -37.55 40.70 -15.28
N SER A 47 -38.58 41.37 -14.76
CA SER A 47 -39.01 41.32 -13.36
C SER A 47 -38.98 39.92 -12.74
N THR A 48 -38.76 39.89 -11.42
CA THR A 48 -38.79 38.64 -10.68
C THR A 48 -40.15 37.94 -10.80
N ALA A 49 -41.22 38.73 -10.81
CA ALA A 49 -42.58 38.22 -10.93
C ALA A 49 -42.89 37.69 -12.33
N ALA A 50 -42.08 38.05 -13.31
CA ALA A 50 -42.24 37.45 -14.63
C ALA A 50 -41.76 35.98 -14.64
N VAL A 51 -40.87 35.60 -13.74
CA VAL A 51 -40.59 34.19 -13.53
C VAL A 51 -41.58 33.51 -12.56
N HIS A 52 -41.97 34.19 -11.49
CA HIS A 52 -42.97 33.61 -10.56
C HIS A 52 -44.34 33.40 -11.20
N TYR A 53 -44.53 34.00 -12.38
CA TYR A 53 -45.72 33.77 -13.18
C TYR A 53 -45.80 32.29 -13.62
N TYR A 54 -44.65 31.69 -13.88
CA TYR A 54 -44.60 30.30 -14.36
C TYR A 54 -44.19 29.30 -13.29
N TYR A 55 -43.32 29.72 -12.38
CA TYR A 55 -42.83 28.85 -11.33
C TYR A 55 -42.89 29.56 -9.96
N ASP A 56 -43.29 28.80 -8.94
CA ASP A 56 -43.50 29.36 -7.62
C ASP A 56 -42.26 29.24 -6.76
N THR A 57 -41.39 28.29 -7.13
CA THR A 57 -40.23 27.96 -6.34
C THR A 57 -39.04 27.77 -7.23
N LYS A 58 -37.86 28.05 -6.67
CA LYS A 58 -36.59 27.55 -7.17
C LYS A 58 -36.73 26.08 -7.57
N ASP A 59 -37.26 25.26 -6.66
CA ASP A 59 -37.42 23.82 -6.89
C ASP A 59 -38.37 23.45 -8.03
N ASP A 60 -39.50 24.13 -8.13
CA ASP A 60 -40.39 23.87 -9.25
C ASP A 60 -39.65 24.17 -10.54
N LEU A 61 -38.92 25.28 -10.52
CA LEU A 61 -38.25 25.80 -11.69
C LEU A 61 -37.17 24.84 -12.16
N LEU A 62 -36.43 24.26 -11.22
CA LEU A 62 -35.36 23.33 -11.57
C LEU A 62 -35.86 21.94 -11.93
N ALA A 63 -37.05 21.57 -11.47
CA ALA A 63 -37.61 20.31 -11.94
C ALA A 63 -37.87 20.48 -13.43
N ALA A 64 -38.50 21.61 -13.78
CA ALA A 64 -38.71 21.99 -15.19
C ALA A 64 -37.38 22.01 -15.98
N PHE A 65 -36.33 22.58 -15.39
CA PHE A 65 -35.02 22.68 -16.02
C PHE A 65 -34.42 21.31 -16.27
N LEU A 66 -34.61 20.37 -15.35
CA LEU A 66 -34.22 19.01 -15.65
C LEU A 66 -35.00 18.48 -16.87
N ASP A 67 -36.33 18.63 -16.86
CA ASP A 67 -37.18 18.18 -17.98
C ASP A 67 -36.70 18.76 -19.29
N TYR A 68 -36.29 20.03 -19.21
CA TYR A 68 -35.71 20.74 -20.33
C TYR A 68 -34.42 20.09 -20.83
N LEU A 69 -33.49 19.77 -19.94
CA LEU A 69 -32.26 19.16 -20.38
C LEU A 69 -32.50 17.79 -21.00
N LEU A 70 -33.49 17.04 -20.49
CA LEU A 70 -33.80 15.76 -21.06
C LEU A 70 -34.33 15.90 -22.50
N GLU A 71 -35.15 16.91 -22.74
CA GLU A 71 -35.73 17.14 -24.09
C GLU A 71 -34.63 17.49 -25.10
N ARG A 72 -33.75 18.38 -24.66
CA ARG A 72 -32.56 18.76 -25.43
C ARG A 72 -31.78 17.48 -25.80
N PHE A 73 -31.62 16.60 -24.83
CA PHE A 73 -30.88 15.35 -25.06
C PHE A 73 -31.65 14.44 -26.03
N VAL A 74 -32.95 14.28 -25.75
CA VAL A 74 -33.85 13.50 -26.60
C VAL A 74 -33.82 13.98 -28.06
N ASP A 75 -33.88 15.30 -28.25
CA ASP A 75 -33.77 15.92 -29.58
C ASP A 75 -32.54 15.44 -30.33
N SER A 76 -31.38 15.57 -29.70
CA SER A 76 -30.11 15.28 -30.37
C SER A 76 -29.99 13.82 -30.78
N ILE A 77 -30.56 12.92 -29.97
CA ILE A 77 -30.67 11.49 -30.30
C ILE A 77 -31.60 11.22 -31.49
N HIS A 78 -32.75 11.91 -31.55
CA HIS A 78 -33.62 11.82 -32.73
C HIS A 78 -32.84 12.21 -33.98
N ASP A 79 -31.73 12.92 -33.80
CA ASP A 79 -30.87 13.31 -34.92
C ASP A 79 -30.14 12.11 -35.47
N VAL A 80 -29.80 11.16 -34.61
CA VAL A 80 -29.15 9.94 -35.08
C VAL A 80 -30.17 8.89 -35.60
N GLU A 81 -30.32 8.82 -36.91
CA GLU A 81 -31.20 7.81 -37.50
C GLU A 81 -30.48 6.52 -37.90
N THR A 82 -29.19 6.40 -37.59
CA THR A 82 -28.50 5.17 -37.97
C THR A 82 -29.07 3.99 -37.17
N THR A 83 -29.39 2.93 -37.90
CA THR A 83 -29.96 1.72 -37.33
C THR A 83 -28.93 0.59 -37.24
N ASP A 84 -27.74 0.80 -37.80
CA ASP A 84 -26.62 -0.14 -37.65
C ASP A 84 -26.17 -0.25 -36.19
N PRO A 85 -26.35 -1.45 -35.60
CA PRO A 85 -26.12 -1.66 -34.19
C PRO A 85 -24.74 -1.23 -33.71
N GLU A 86 -23.68 -1.57 -34.43
CA GLU A 86 -22.34 -1.18 -33.99
C GLU A 86 -22.23 0.35 -34.04
N ALA A 87 -22.60 0.93 -35.19
CA ALA A 87 -22.45 2.39 -35.37
C ALA A 87 -23.32 3.20 -34.41
N ARG A 88 -24.45 2.62 -34.03
CA ARG A 88 -25.43 3.34 -33.23
C ARG A 88 -25.04 3.34 -31.77
N LEU A 89 -24.53 2.21 -31.30
CA LEU A 89 -24.06 2.14 -29.93
C LEU A 89 -23.03 3.23 -29.80
N ASN A 90 -22.01 3.19 -30.65
CA ASN A 90 -20.93 4.16 -30.57
C ASN A 90 -21.41 5.60 -30.51
N LEU A 91 -22.31 5.94 -31.43
CA LEU A 91 -22.86 7.28 -31.54
C LEU A 91 -23.60 7.67 -30.28
N LEU A 92 -24.29 6.72 -29.67
CA LEU A 92 -24.94 7.00 -28.38
C LEU A 92 -23.90 7.23 -27.31
N LEU A 93 -22.92 6.34 -27.22
CA LEU A 93 -21.86 6.52 -26.26
C LEU A 93 -21.15 7.84 -26.46
N ASP A 94 -20.88 8.20 -27.72
CA ASP A 94 -20.28 9.51 -27.99
C ASP A 94 -21.16 10.59 -27.44
N GLU A 95 -22.45 10.51 -27.72
CA GLU A 95 -23.41 11.50 -27.25
C GLU A 95 -23.37 11.66 -25.72
N LEU A 96 -23.24 10.56 -25.00
CA LEU A 96 -23.29 10.60 -23.55
C LEU A 96 -21.93 10.94 -22.93
N LEU A 97 -20.85 10.68 -23.66
CA LEU A 97 -19.50 10.77 -23.08
C LEU A 97 -18.54 11.75 -23.75
N VAL A 98 -18.69 12.03 -25.03
CA VAL A 98 -17.81 13.03 -25.66
C VAL A 98 -18.41 14.44 -25.70
N LYS A 99 -19.69 14.56 -26.08
CA LYS A 99 -20.37 15.86 -26.11
C LYS A 99 -20.29 16.66 -24.79
N PRO A 100 -20.51 16.00 -23.61
CA PRO A 100 -20.49 16.73 -22.33
C PRO A 100 -19.11 17.21 -21.87
N GLN A 101 -18.08 16.93 -22.68
CA GLN A 101 -16.75 17.49 -22.45
C GLN A 101 -16.70 19.00 -22.73
N GLU A 102 -17.88 19.62 -22.97
CA GLU A 102 -18.07 21.11 -23.03
C GLU A 102 -19.20 21.74 -22.13
N ASN A 103 -19.65 21.04 -21.08
CA ASN A 103 -20.60 21.61 -20.12
C ASN A 103 -20.10 21.61 -18.64
N PRO A 104 -18.78 21.60 -18.43
CA PRO A 104 -18.29 21.35 -17.08
C PRO A 104 -18.89 22.22 -15.95
N ASP A 105 -19.34 23.44 -16.26
CA ASP A 105 -19.86 24.33 -15.21
C ASP A 105 -21.31 24.00 -14.85
N LEU A 106 -22.09 23.62 -15.86
CA LEU A 106 -23.33 22.95 -15.59
C LEU A 106 -23.14 21.66 -14.76
N SER A 107 -22.04 20.98 -15.00
CA SER A 107 -21.78 19.72 -14.32
C SER A 107 -21.71 19.77 -12.79
N VAL A 108 -21.03 20.78 -12.23
CA VAL A 108 -21.01 21.03 -10.78
C VAL A 108 -22.45 21.15 -10.25
N ALA A 109 -23.24 22.01 -10.88
CA ALA A 109 -24.64 22.21 -10.49
C ALA A 109 -25.44 20.91 -10.46
N LEU A 110 -25.29 20.09 -11.50
CA LEU A 110 -26.03 18.83 -11.61
C LEU A 110 -25.65 17.76 -10.55
N LEU A 111 -24.40 17.71 -10.13
CA LEU A 111 -23.98 16.81 -9.06
C LEU A 111 -24.56 17.29 -7.73
N GLU A 112 -24.58 18.61 -7.52
CA GLU A 112 -25.17 19.16 -6.32
C GLU A 112 -26.62 18.73 -6.26
N MSE A 113 -27.31 18.87 -7.39
CA MSE A 113 -28.72 18.53 -7.47
C MSE A 113 -28.96 17.02 -7.34
O MSE A 113 -29.96 16.62 -6.74
CB MSE A 113 -29.32 19.06 -8.75
CG MSE A 113 -29.47 20.54 -8.78
SE MSE A 113 -30.24 21.14 -10.45
CE MSE A 113 -29.50 19.73 -11.58
N ARG A 114 -28.05 16.22 -7.87
CA ARG A 114 -28.13 14.76 -7.73
C ARG A 114 -27.96 14.32 -6.30
N SER A 115 -27.03 14.97 -5.60
CA SER A 115 -26.81 14.66 -4.19
C SER A 115 -28.01 15.03 -3.35
N GLN A 116 -28.91 15.85 -3.89
CA GLN A 116 -30.16 16.20 -3.21
C GLN A 116 -31.39 15.39 -3.53
N ALA A 117 -31.30 14.49 -4.50
CA ALA A 117 -32.39 13.59 -4.86
C ALA A 117 -33.03 12.82 -3.69
N PRO A 118 -32.25 12.39 -2.68
CA PRO A 118 -32.91 11.72 -1.55
C PRO A 118 -33.74 12.64 -0.64
N TYR A 119 -33.72 13.95 -0.89
CA TYR A 119 -34.50 14.86 -0.05
C TYR A 119 -35.62 15.50 -0.83
N LYS A 120 -35.65 15.25 -2.14
CA LYS A 120 -36.58 15.94 -3.03
C LYS A 120 -37.04 14.96 -4.10
N GLU A 121 -38.31 14.57 -4.00
CA GLU A 121 -38.95 13.71 -4.99
C GLU A 121 -38.90 14.24 -6.41
N ALA A 122 -39.19 15.52 -6.59
CA ALA A 122 -39.26 16.10 -7.92
C ALA A 122 -37.94 15.92 -8.66
N PHE A 123 -36.82 16.01 -7.94
CA PHE A 123 -35.51 15.81 -8.55
C PHE A 123 -35.26 14.31 -8.78
N SER A 124 -35.54 13.52 -7.74
CA SER A 124 -35.38 12.08 -7.81
C SER A 124 -36.18 11.48 -8.97
N ASP A 125 -37.48 11.77 -9.01
CA ASP A 125 -38.31 11.37 -10.17
C ASP A 125 -37.64 11.69 -11.51
N ARG A 126 -37.02 12.87 -11.57
CA ARG A 126 -36.53 13.49 -12.80
C ARG A 126 -35.25 12.84 -13.28
N PHE A 127 -34.38 12.52 -12.32
CA PHE A 127 -33.12 11.86 -12.61
C PHE A 127 -33.33 10.40 -12.94
N ARG A 128 -34.37 9.79 -12.39
CA ARG A 128 -34.69 8.39 -12.72
C ARG A 128 -35.23 8.36 -14.16
N GLN A 129 -35.98 9.39 -14.49
CA GLN A 129 -36.57 9.52 -15.81
C GLN A 129 -35.46 9.56 -16.86
N ASN A 130 -34.47 10.42 -16.63
CA ASN A 130 -33.32 10.56 -17.51
C ASN A 130 -32.68 9.20 -17.62
N ASP A 131 -32.33 8.62 -16.48
CA ASP A 131 -31.72 7.31 -16.47
C ASP A 131 -32.53 6.29 -17.29
N GLU A 132 -33.86 6.18 -17.08
CA GLU A 132 -34.69 5.22 -17.85
C GLU A 132 -34.60 5.43 -19.35
N TYR A 133 -34.55 6.70 -19.77
CA TYR A 133 -34.54 7.03 -21.17
C TYR A 133 -33.25 6.51 -21.81
N VAL A 134 -32.15 6.72 -21.10
CA VAL A 134 -30.85 6.30 -21.58
C VAL A 134 -30.83 4.79 -21.62
N ARG A 135 -31.20 4.17 -20.51
CA ARG A 135 -31.38 2.71 -20.44
C ARG A 135 -32.22 2.15 -21.63
N TYR A 136 -33.40 2.71 -21.88
CA TYR A 136 -34.20 2.30 -23.02
C TYR A 136 -33.41 2.40 -24.33
N MSE A 137 -32.79 3.54 -24.61
CA MSE A 137 -32.12 3.66 -25.90
C MSE A 137 -30.85 2.81 -26.02
O MSE A 137 -30.48 2.40 -27.11
CB MSE A 137 -31.79 5.11 -26.19
CG MSE A 137 -30.78 5.66 -25.26
SE MSE A 137 -30.15 7.38 -25.81
CE MSE A 137 -28.31 7.01 -25.40
N LEU A 138 -30.20 2.52 -24.90
CA LEU A 138 -29.02 1.67 -24.91
C LEU A 138 -29.36 0.19 -25.03
N LYS A 139 -30.25 -0.31 -24.17
CA LYS A 139 -30.78 -1.65 -24.34
C LYS A 139 -31.37 -1.94 -25.72
N ALA A 140 -32.06 -0.96 -26.30
CA ALA A 140 -32.64 -1.11 -27.63
C ALA A 140 -31.63 -1.36 -28.73
N VAL A 141 -30.46 -0.73 -28.70
CA VAL A 141 -29.54 -0.94 -29.79
C VAL A 141 -28.81 -2.25 -29.56
N ILE A 142 -28.54 -2.56 -28.29
CA ILE A 142 -27.97 -3.85 -27.92
C ILE A 142 -28.88 -5.00 -28.32
N ASN A 143 -30.19 -4.80 -28.16
CA ASN A 143 -31.09 -5.86 -28.55
C ASN A 143 -31.10 -6.02 -30.06
N HIS A 144 -31.11 -4.90 -30.78
CA HIS A 144 -31.12 -4.92 -32.25
C HIS A 144 -29.95 -5.71 -32.86
N GLY A 145 -28.75 -5.45 -32.33
CA GLY A 145 -27.55 -6.12 -32.77
C GLY A 145 -27.55 -7.59 -32.44
N ILE A 146 -28.07 -7.94 -31.26
CA ILE A 146 -28.26 -9.36 -30.93
C ILE A 146 -29.17 -9.99 -31.95
N ASP A 147 -30.28 -9.31 -32.24
CA ASP A 147 -31.20 -9.76 -33.28
C ASP A 147 -30.51 -9.87 -34.63
N GLU A 148 -29.72 -8.88 -35.04
CA GLU A 148 -28.99 -8.98 -36.32
C GLU A 148 -27.83 -9.97 -36.23
N GLY A 149 -27.55 -10.47 -35.03
CA GLY A 149 -26.47 -11.46 -34.86
C GLY A 149 -25.08 -10.84 -34.85
N VAL A 150 -25.04 -9.50 -34.82
CA VAL A 150 -23.80 -8.72 -34.73
C VAL A 150 -23.19 -8.76 -33.33
N PHE A 151 -24.04 -8.92 -32.32
CA PHE A 151 -23.60 -8.98 -30.92
C PHE A 151 -23.92 -10.35 -30.37
N THR A 152 -23.05 -10.85 -29.50
CA THR A 152 -23.29 -12.09 -28.76
C THR A 152 -24.59 -12.02 -27.97
N ASP A 153 -25.32 -13.14 -27.89
CA ASP A 153 -26.58 -13.13 -27.13
C ASP A 153 -26.32 -13.12 -25.64
N VAL A 154 -26.39 -11.94 -25.03
CA VAL A 154 -25.98 -11.76 -23.64
C VAL A 154 -27.11 -11.08 -22.86
N ASP A 155 -26.96 -10.98 -21.55
CA ASP A 155 -27.98 -10.37 -20.68
C ASP A 155 -28.00 -8.87 -20.90
N ALA A 156 -28.90 -8.44 -21.77
CA ALA A 156 -28.98 -7.05 -22.24
C ALA A 156 -29.21 -6.11 -21.09
N GLU A 157 -30.08 -6.46 -20.15
CA GLU A 157 -30.33 -5.56 -19.03
C GLU A 157 -29.05 -5.27 -18.27
N HIS A 158 -28.22 -6.29 -18.10
CA HIS A 158 -27.02 -6.16 -17.31
C HIS A 158 -25.87 -5.51 -18.05
N VAL A 159 -25.72 -5.82 -19.32
CA VAL A 159 -24.79 -5.02 -20.10
C VAL A 159 -25.16 -3.54 -20.06
N THR A 160 -26.43 -3.18 -20.23
CA THR A 160 -26.73 -1.74 -20.30
C THR A 160 -26.64 -1.06 -18.92
N ARG A 161 -26.96 -1.81 -17.88
CA ARG A 161 -26.74 -1.33 -16.52
C ARG A 161 -25.26 -1.04 -16.28
N SER A 162 -24.41 -1.94 -16.78
CA SER A 162 -22.98 -1.75 -16.76
C SER A 162 -22.52 -0.45 -17.46
N LEU A 163 -23.01 -0.20 -18.67
CA LEU A 163 -22.67 1.05 -19.33
C LEU A 163 -23.22 2.24 -18.56
N LEU A 164 -24.30 2.04 -17.83
CA LEU A 164 -24.92 3.14 -17.07
C LEU A 164 -24.00 3.54 -15.95
N THR A 165 -23.35 2.54 -15.35
CA THR A 165 -22.47 2.78 -14.23
C THR A 165 -21.24 3.55 -14.68
N ILE A 166 -20.60 3.05 -15.73
CA ILE A 166 -19.48 3.75 -16.37
C ILE A 166 -19.89 5.20 -16.61
N ILE A 167 -21.02 5.43 -17.28
CA ILE A 167 -21.46 6.81 -17.54
C ILE A 167 -21.52 7.64 -16.25
N ASP A 168 -22.25 7.14 -15.24
CA ASP A 168 -22.35 7.90 -14.02
C ASP A 168 -21.03 8.01 -13.27
N GLY A 169 -20.14 7.04 -13.44
CA GLY A 169 -18.81 7.14 -12.86
C GLY A 169 -18.08 8.35 -13.38
N ALA A 170 -18.04 8.45 -14.71
CA ALA A 170 -17.37 9.52 -15.41
C ALA A 170 -17.89 10.89 -14.96
N ARG A 171 -19.21 11.05 -14.86
CA ARG A 171 -19.76 12.36 -14.55
C ARG A 171 -19.40 12.83 -13.13
N THR A 172 -19.28 11.89 -12.21
CA THR A 172 -18.95 12.20 -10.84
C THR A 172 -17.47 12.56 -10.75
N ARG A 173 -16.62 11.76 -11.39
CA ARG A 173 -15.18 11.94 -11.26
C ARG A 173 -14.74 13.17 -12.03
N ALA A 174 -15.47 13.49 -13.09
CA ALA A 174 -15.13 14.68 -13.88
C ALA A 174 -15.34 15.92 -13.04
N VAL A 175 -16.44 15.98 -12.28
CA VAL A 175 -16.62 17.13 -11.41
C VAL A 175 -15.77 17.00 -10.15
N MSE A 176 -15.84 15.83 -9.49
CA MSE A 176 -15.09 15.62 -8.22
C MSE A 176 -13.58 15.85 -8.42
O MSE A 176 -12.90 16.29 -7.50
CB MSE A 176 -15.35 14.22 -7.65
CG MSE A 176 -14.99 14.00 -6.16
SE MSE A 176 -14.23 12.14 -5.81
CE MSE A 176 -15.07 11.10 -7.21
N LEU A 177 -13.07 15.61 -9.61
CA LEU A 177 -11.65 15.82 -9.85
C LEU A 177 -11.35 17.00 -10.75
N ASP A 178 -12.37 17.80 -11.06
CA ASP A 178 -12.25 18.94 -11.98
C ASP A 178 -11.42 18.61 -13.23
N ASP A 179 -11.77 17.49 -13.87
CA ASP A 179 -11.04 17.02 -15.03
C ASP A 179 -12.04 16.41 -16.01
N THR A 180 -12.12 16.98 -17.20
CA THR A 180 -12.99 16.44 -18.24
C THR A 180 -12.32 15.28 -18.95
N GLU A 181 -11.03 15.04 -18.65
CA GLU A 181 -10.39 13.83 -19.16
C GLU A 181 -11.07 12.54 -18.67
N GLU A 182 -11.75 12.62 -17.53
CA GLU A 182 -12.44 11.51 -16.91
C GLU A 182 -13.51 10.90 -17.81
N LEU A 183 -14.16 11.75 -18.60
CA LEU A 183 -15.13 11.28 -19.54
C LEU A 183 -14.42 10.62 -20.71
N GLU A 184 -13.26 11.16 -21.08
CA GLU A 184 -12.57 10.67 -22.25
C GLU A 184 -12.03 9.26 -21.95
N THR A 185 -11.51 9.05 -20.74
CA THR A 185 -11.10 7.69 -20.35
C THR A 185 -12.32 6.77 -20.20
N ALA A 186 -13.40 7.27 -19.61
CA ALA A 186 -14.63 6.48 -19.50
C ALA A 186 -15.21 6.08 -20.85
N ARG A 187 -15.09 6.95 -21.84
CA ARG A 187 -15.49 6.61 -23.18
C ARG A 187 -14.77 5.36 -23.62
N GLN A 188 -13.46 5.27 -23.31
CA GLN A 188 -12.64 4.10 -23.67
C GLN A 188 -13.02 2.86 -22.87
N THR A 189 -13.26 3.06 -21.57
CA THR A 189 -13.79 2.01 -20.72
C THR A 189 -15.09 1.47 -21.33
N ALA A 190 -16.05 2.36 -21.62
CA ALA A 190 -17.26 1.95 -22.31
C ALA A 190 -17.00 1.11 -23.57
N SER A 191 -16.10 1.51 -24.46
CA SER A 191 -15.84 0.66 -25.62
C SER A 191 -15.24 -0.69 -25.26
N GLU A 192 -14.19 -0.68 -24.43
CA GLU A 192 -13.58 -1.94 -23.99
C GLU A 192 -14.63 -2.84 -23.38
N TYR A 193 -15.44 -2.28 -22.48
CA TYR A 193 -16.44 -3.09 -21.80
C TYR A 193 -17.38 -3.71 -22.78
N ALA A 194 -17.89 -2.88 -23.70
CA ALA A 194 -18.93 -3.30 -24.63
C ALA A 194 -18.39 -4.36 -25.59
N ASP A 195 -17.12 -4.20 -25.98
CA ASP A 195 -16.58 -5.04 -27.03
C ASP A 195 -16.31 -6.42 -26.46
N ALA A 196 -15.97 -6.44 -25.16
CA ALA A 196 -15.69 -7.67 -24.45
C ALA A 196 -16.98 -8.46 -24.21
N MSE A 197 -18.09 -7.76 -24.05
CA MSE A 197 -19.35 -8.44 -23.83
C MSE A 197 -20.03 -8.84 -25.14
O MSE A 197 -20.56 -9.94 -25.28
CB MSE A 197 -20.27 -7.59 -22.96
CG MSE A 197 -19.68 -7.27 -21.58
SE MSE A 197 -19.39 -8.86 -20.46
CE MSE A 197 -17.50 -9.21 -20.76
N LEU A 198 -19.98 -7.94 -26.13
CA LEU A 198 -20.85 -8.08 -27.29
C LEU A 198 -20.19 -8.74 -28.47
N GLN A 199 -18.94 -8.39 -28.73
CA GLN A 199 -18.26 -8.88 -29.92
C GLN A 199 -17.13 -9.79 -29.48
N PHE B 12 -7.69 13.09 25.49
CA PHE B 12 -6.90 13.63 24.33
C PHE B 12 -7.58 13.31 22.98
N SER B 13 -7.02 12.35 22.22
CA SER B 13 -7.63 11.88 20.98
C SER B 13 -8.81 10.95 21.26
N ASP B 14 -9.06 10.67 22.54
CA ASP B 14 -10.23 9.92 22.94
C ASP B 14 -11.49 10.76 22.68
N GLN B 15 -11.48 12.00 23.14
CA GLN B 15 -12.63 12.90 22.95
C GLN B 15 -12.96 13.24 21.49
N THR B 16 -11.95 13.42 20.64
CA THR B 16 -12.21 13.68 19.20
C THR B 16 -13.02 12.56 18.53
N GLU B 17 -12.66 11.31 18.82
CA GLU B 17 -13.35 10.17 18.23
C GLU B 17 -14.85 10.17 18.57
N GLU B 18 -15.21 10.61 19.77
CA GLU B 18 -16.60 10.65 20.18
C GLU B 18 -17.37 11.72 19.41
N ILE B 19 -16.67 12.78 19.03
CA ILE B 19 -17.25 13.84 18.20
C ILE B 19 -17.42 13.37 16.75
N MSE B 20 -16.38 12.74 16.20
CA MSE B 20 -16.48 12.12 14.90
C MSE B 20 -17.68 11.18 14.88
O MSE B 20 -18.47 11.20 13.92
CB MSE B 20 -15.20 11.36 14.58
CG MSE B 20 -13.98 12.25 14.28
SE MSE B 20 -14.24 13.63 12.89
CE MSE B 20 -14.92 15.09 14.03
N GLN B 21 -17.84 10.41 15.96
CA GLN B 21 -18.97 9.49 16.13
C GLN B 21 -20.31 10.19 16.35
N ALA B 22 -20.26 11.39 16.93
CA ALA B 22 -21.49 12.17 17.12
C ALA B 22 -21.97 12.72 15.79
N THR B 23 -21.05 13.28 15.02
CA THR B 23 -21.36 13.84 13.72
C THR B 23 -21.79 12.73 12.76
N TYR B 24 -21.37 11.52 13.06
CA TYR B 24 -21.81 10.31 12.35
C TYR B 24 -23.32 10.12 12.57
N ARG B 25 -23.77 10.27 13.81
CA ARG B 25 -25.19 10.10 14.16
C ARG B 25 -26.04 11.23 13.57
N ALA B 26 -25.56 12.47 13.74
CA ALA B 26 -26.29 13.66 13.31
C ALA B 26 -26.28 13.82 11.81
N LEU B 27 -25.30 13.19 11.17
CA LEU B 27 -25.20 13.15 9.71
C LEU B 27 -26.29 12.26 9.15
N ARG B 28 -26.31 11.03 9.67
CA ARG B 28 -27.26 9.99 9.29
C ARG B 28 -28.70 10.32 9.60
N GLU B 29 -28.89 11.19 10.58
CA GLU B 29 -30.20 11.71 10.95
C GLU B 29 -30.58 12.91 10.06
N HIS B 30 -29.95 14.06 10.31
CA HIS B 30 -30.37 15.34 9.75
C HIS B 30 -29.81 15.66 8.36
N GLY B 31 -28.85 14.86 7.89
CA GLY B 31 -28.16 15.17 6.64
C GLY B 31 -27.04 16.18 6.81
N TYR B 32 -26.24 16.32 5.75
CA TYR B 32 -25.16 17.31 5.70
C TYR B 32 -25.71 18.73 5.63
N ALA B 33 -26.54 18.99 4.61
CA ALA B 33 -27.13 20.31 4.37
C ALA B 33 -27.72 20.89 5.64
N ASP B 34 -28.53 20.09 6.32
CA ASP B 34 -29.13 20.49 7.58
C ASP B 34 -28.29 20.02 8.75
N LEU B 35 -27.08 20.55 8.84
CA LEU B 35 -26.16 20.19 9.89
C LEU B 35 -25.47 21.45 10.39
N THR B 36 -25.45 21.58 11.71
CA THR B 36 -24.85 22.71 12.42
C THR B 36 -24.13 22.21 13.67
N ILE B 37 -23.31 23.07 14.27
CA ILE B 37 -22.61 22.69 15.50
C ILE B 37 -23.59 22.29 16.61
N GLN B 38 -24.65 23.08 16.78
CA GLN B 38 -25.68 22.82 17.81
C GLN B 38 -26.23 21.39 17.74
N ARG B 39 -26.54 20.93 16.53
CA ARG B 39 -27.05 19.57 16.35
C ARG B 39 -26.02 18.49 16.70
N ILE B 40 -24.76 18.71 16.35
CA ILE B 40 -23.70 17.76 16.71
C ILE B 40 -23.46 17.81 18.21
N ALA B 41 -23.28 19.01 18.75
CA ALA B 41 -23.21 19.19 20.20
C ALA B 41 -24.25 18.34 20.92
N ASP B 42 -25.39 18.13 20.27
CA ASP B 42 -26.51 17.41 20.87
C ASP B 42 -26.28 15.90 20.94
N GLU B 43 -25.88 15.31 19.81
CA GLU B 43 -25.51 13.89 19.77
C GLU B 43 -24.34 13.57 20.70
N TYR B 44 -23.51 14.57 20.98
CA TYR B 44 -22.29 14.43 21.78
C TYR B 44 -22.56 14.54 23.27
N GLY B 45 -23.53 15.37 23.63
CA GLY B 45 -23.98 15.49 25.03
C GLY B 45 -23.29 16.61 25.76
N LYS B 46 -22.29 17.23 25.14
CA LYS B 46 -21.55 18.32 25.74
C LYS B 46 -21.94 19.64 25.09
N SER B 47 -21.49 20.76 25.67
CA SER B 47 -21.84 22.10 25.16
C SER B 47 -21.17 22.44 23.82
N THR B 48 -21.78 23.38 23.12
CA THR B 48 -21.28 23.90 21.86
C THR B 48 -19.79 24.30 21.95
N ALA B 49 -19.42 24.91 23.07
CA ALA B 49 -18.04 25.28 23.38
C ALA B 49 -17.12 24.08 23.44
N ALA B 50 -17.62 22.96 23.94
CA ALA B 50 -16.80 21.77 24.13
C ALA B 50 -16.43 21.13 22.79
N VAL B 51 -17.26 21.32 21.76
CA VAL B 51 -16.84 20.84 20.43
C VAL B 51 -16.00 21.92 19.75
N HIS B 52 -16.27 23.17 20.09
CA HIS B 52 -15.44 24.24 19.59
C HIS B 52 -14.01 24.17 20.12
N TYR B 53 -13.85 23.57 21.30
CA TYR B 53 -12.54 23.27 21.88
C TYR B 53 -11.65 22.47 20.92
N TYR B 54 -12.26 21.66 20.08
CA TYR B 54 -11.54 20.80 19.17
C TYR B 54 -11.62 21.28 17.75
N TYR B 55 -12.70 21.97 17.40
CA TYR B 55 -12.88 22.49 16.04
C TYR B 55 -13.43 23.91 16.02
N ASP B 56 -12.70 24.83 15.41
CA ASP B 56 -13.16 26.22 15.30
C ASP B 56 -14.34 26.39 14.36
N THR B 57 -14.10 26.16 13.07
CA THR B 57 -15.14 26.24 12.04
C THR B 57 -15.93 24.94 12.03
N LYS B 58 -17.13 24.98 11.45
CA LYS B 58 -17.79 23.76 10.98
C LYS B 58 -16.94 23.09 9.88
N ASP B 59 -16.23 23.90 9.11
CA ASP B 59 -15.37 23.41 8.03
C ASP B 59 -14.18 22.64 8.61
N ASP B 60 -13.63 23.17 9.69
CA ASP B 60 -12.56 22.48 10.39
C ASP B 60 -13.05 21.10 10.80
N LEU B 61 -14.29 21.05 11.27
CA LEU B 61 -14.89 19.81 11.75
C LEU B 61 -15.19 18.83 10.61
N LEU B 62 -15.79 19.33 9.54
CA LEU B 62 -16.18 18.46 8.41
C LEU B 62 -14.98 17.87 7.67
N ALA B 63 -13.92 18.65 7.52
CA ALA B 63 -12.69 18.19 6.90
C ALA B 63 -12.15 17.02 7.71
N ALA B 64 -12.05 17.23 9.03
CA ALA B 64 -11.68 16.19 9.96
C ALA B 64 -12.64 15.01 9.78
N PHE B 65 -13.93 15.33 9.78
CA PHE B 65 -14.92 14.29 9.66
C PHE B 65 -14.59 13.41 8.47
N LEU B 66 -14.56 14.02 7.27
CA LEU B 66 -14.11 13.37 6.03
C LEU B 66 -12.99 12.38 6.27
N ASP B 67 -11.79 12.87 6.53
CA ASP B 67 -10.63 12.00 6.56
C ASP B 67 -10.63 11.09 7.80
N TYR B 68 -11.79 10.99 8.43
CA TYR B 68 -12.05 10.04 9.51
C TYR B 68 -12.62 8.76 8.91
N LEU B 69 -13.45 8.93 7.89
CA LEU B 69 -14.08 7.83 7.19
C LEU B 69 -13.03 7.15 6.33
N LEU B 70 -12.37 7.99 5.55
CA LEU B 70 -11.35 7.56 4.64
C LEU B 70 -10.13 7.06 5.40
N GLU B 71 -10.29 6.88 6.72
CA GLU B 71 -9.23 6.42 7.62
C GLU B 71 -9.58 5.06 8.27
N ARG B 72 -10.85 4.91 8.64
CA ARG B 72 -11.43 3.62 9.03
C ARG B 72 -11.42 2.70 7.79
N PHE B 73 -11.53 3.30 6.62
CA PHE B 73 -11.45 2.52 5.39
C PHE B 73 -10.07 1.91 5.10
N VAL B 74 -9.01 2.73 5.11
CA VAL B 74 -7.65 2.19 4.85
C VAL B 74 -7.27 1.19 5.94
N ASP B 75 -7.68 1.49 7.17
CA ASP B 75 -7.60 0.57 8.30
C ASP B 75 -8.14 -0.81 7.89
N SER B 76 -9.18 -0.82 7.04
CA SER B 76 -9.84 -2.06 6.58
C SER B 76 -9.09 -2.78 5.45
N ILE B 77 -8.60 -2.01 4.48
CA ILE B 77 -7.80 -2.57 3.41
C ILE B 77 -6.46 -3.11 3.91
N HIS B 78 -5.87 -2.43 4.90
CA HIS B 78 -4.60 -2.90 5.46
C HIS B 78 -4.85 -4.09 6.39
N ASP B 79 -5.83 -4.90 5.97
CA ASP B 79 -6.26 -6.17 6.60
C ASP B 79 -6.12 -7.29 5.58
N VAL B 80 -6.38 -6.94 4.31
CA VAL B 80 -6.06 -7.79 3.17
C VAL B 80 -4.55 -7.98 3.14
N GLU B 81 -4.07 -9.11 3.65
CA GLU B 81 -2.62 -9.36 3.70
C GLU B 81 -2.07 -10.18 2.55
N THR B 82 -2.96 -10.72 1.71
CA THR B 82 -2.54 -11.64 0.63
C THR B 82 -1.81 -10.94 -0.53
N THR B 83 -0.81 -11.63 -1.09
CA THR B 83 -0.07 -11.12 -2.25
C THR B 83 -0.48 -11.83 -3.55
N ASP B 84 -1.27 -12.91 -3.47
CA ASP B 84 -1.82 -13.52 -4.67
C ASP B 84 -2.66 -12.49 -5.44
N PRO B 85 -2.20 -12.09 -6.63
CA PRO B 85 -2.83 -11.06 -7.45
C PRO B 85 -4.32 -11.23 -7.79
N GLU B 86 -4.75 -12.43 -8.19
CA GLU B 86 -6.17 -12.68 -8.52
C GLU B 86 -7.03 -12.57 -7.27
N ALA B 87 -6.57 -13.18 -6.19
CA ALA B 87 -7.30 -13.20 -4.94
C ALA B 87 -7.36 -11.81 -4.31
N ARG B 88 -6.21 -11.13 -4.31
CA ARG B 88 -6.06 -9.82 -3.68
C ARG B 88 -6.94 -8.80 -4.40
N LEU B 89 -6.82 -8.74 -5.72
CA LEU B 89 -7.69 -7.89 -6.51
C LEU B 89 -9.21 -8.14 -6.28
N ASN B 90 -9.61 -9.38 -6.11
CA ASN B 90 -11.02 -9.61 -5.82
C ASN B 90 -11.40 -9.15 -4.41
N LEU B 91 -10.48 -9.34 -3.47
CA LEU B 91 -10.73 -8.96 -2.09
C LEU B 91 -10.74 -7.44 -1.94
N LEU B 92 -9.94 -6.74 -2.74
CA LEU B 92 -9.98 -5.27 -2.75
C LEU B 92 -11.27 -4.78 -3.40
N LEU B 93 -11.67 -5.40 -4.50
CA LEU B 93 -12.94 -5.03 -5.16
C LEU B 93 -14.15 -5.31 -4.26
N ASP B 94 -14.09 -6.40 -3.50
CA ASP B 94 -15.12 -6.72 -2.50
C ASP B 94 -15.22 -5.61 -1.47
N GLU B 95 -14.09 -5.12 -0.99
CA GLU B 95 -14.06 -4.16 0.11
C GLU B 95 -14.54 -2.80 -0.39
N LEU B 96 -14.30 -2.52 -1.66
CA LEU B 96 -14.75 -1.30 -2.30
C LEU B 96 -16.24 -1.30 -2.70
N LEU B 97 -16.82 -2.47 -2.93
CA LEU B 97 -18.16 -2.59 -3.52
C LEU B 97 -19.15 -3.49 -2.78
N VAL B 98 -18.66 -4.50 -2.06
CA VAL B 98 -19.56 -5.45 -1.40
C VAL B 98 -19.84 -5.07 0.03
N LYS B 99 -18.80 -4.64 0.77
CA LYS B 99 -19.01 -4.23 2.15
C LYS B 99 -19.88 -2.98 2.30
N PRO B 100 -19.67 -1.94 1.45
CA PRO B 100 -20.44 -0.69 1.60
C PRO B 100 -21.96 -0.86 1.49
N GLN B 101 -22.40 -1.98 0.90
CA GLN B 101 -23.84 -2.29 0.81
C GLN B 101 -24.55 -2.34 2.17
N GLU B 102 -23.96 -3.09 3.11
CA GLU B 102 -24.44 -3.18 4.49
C GLU B 102 -24.24 -1.91 5.34
N ASN B 103 -23.53 -0.92 4.80
CA ASN B 103 -23.30 0.34 5.53
C ASN B 103 -23.87 1.58 4.79
N PRO B 104 -25.15 1.52 4.38
CA PRO B 104 -25.58 2.46 3.33
C PRO B 104 -25.81 3.90 3.84
N ASP B 105 -26.23 4.03 5.09
CA ASP B 105 -26.62 5.31 5.70
C ASP B 105 -25.75 6.52 5.32
N LEU B 106 -24.43 6.36 5.47
CA LEU B 106 -23.54 7.48 5.23
CA LEU B 106 -23.43 7.39 5.22
C LEU B 106 -23.35 7.82 3.76
N SER B 107 -23.64 6.87 2.87
CA SER B 107 -23.46 7.08 1.42
C SER B 107 -24.09 8.35 0.89
N VAL B 108 -25.22 8.73 1.45
CA VAL B 108 -25.96 9.92 1.04
C VAL B 108 -25.18 11.20 1.33
N ALA B 109 -24.70 11.32 2.56
CA ALA B 109 -23.92 12.48 2.93
C ALA B 109 -22.56 12.43 2.22
N LEU B 110 -21.99 11.24 2.09
CA LEU B 110 -20.78 11.08 1.29
C LEU B 110 -20.94 11.75 -0.08
N LEU B 111 -22.10 11.59 -0.73
CA LEU B 111 -22.32 12.21 -2.04
C LEU B 111 -22.43 13.72 -1.86
N GLU B 112 -23.09 14.16 -0.80
CA GLU B 112 -23.24 15.60 -0.58
C GLU B 112 -21.87 16.30 -0.43
N MSE B 113 -20.97 15.73 0.36
CA MSE B 113 -19.60 16.26 0.49
C MSE B 113 -18.94 16.30 -0.86
O MSE B 113 -18.23 17.26 -1.18
CB MSE B 113 -18.70 15.39 1.38
CG MSE B 113 -19.34 14.60 2.48
SE MSE B 113 -19.12 15.40 4.23
CE MSE B 113 -18.45 13.80 5.09
N ARG B 114 -19.12 15.26 -1.66
CA ARG B 114 -18.47 15.26 -2.95
C ARG B 114 -18.94 16.42 -3.80
N SER B 115 -20.24 16.69 -3.79
CA SER B 115 -20.79 17.81 -4.52
C SER B 115 -20.25 19.17 -4.03
N GLN B 116 -19.68 19.20 -2.84
CA GLN B 116 -19.08 20.40 -2.26
C GLN B 116 -17.61 20.56 -2.63
N ALA B 117 -16.97 19.46 -2.99
CA ALA B 117 -15.56 19.47 -3.44
C ALA B 117 -15.20 20.69 -4.32
N PRO B 118 -16.04 21.01 -5.32
CA PRO B 118 -15.77 22.21 -6.11
C PRO B 118 -15.94 23.50 -5.32
N TYR B 119 -16.54 23.47 -4.13
CA TYR B 119 -16.63 24.73 -3.39
C TYR B 119 -15.64 24.84 -2.27
N LYS B 120 -15.11 23.73 -1.76
CA LYS B 120 -14.14 23.76 -0.68
C LYS B 120 -12.90 22.99 -1.06
N GLU B 121 -11.79 23.70 -1.06
CA GLU B 121 -10.54 23.11 -1.48
C GLU B 121 -10.12 22.02 -0.50
N ALA B 122 -10.46 22.21 0.78
CA ALA B 122 -10.24 21.22 1.82
C ALA B 122 -10.92 19.87 1.43
N PHE B 123 -12.16 19.94 0.92
CA PHE B 123 -12.84 18.74 0.46
C PHE B 123 -12.19 18.19 -0.77
N SER B 124 -11.96 19.04 -1.76
CA SER B 124 -11.40 18.55 -3.01
C SER B 124 -10.07 17.87 -2.71
N ASP B 125 -9.18 18.58 -2.02
CA ASP B 125 -7.87 18.05 -1.60
C ASP B 125 -7.98 16.61 -1.07
N ARG B 126 -8.86 16.42 -0.10
CA ARG B 126 -9.09 15.12 0.52
C ARG B 126 -9.64 14.00 -0.38
N PHE B 127 -10.70 14.24 -1.15
CA PHE B 127 -11.19 13.20 -2.04
C PHE B 127 -10.07 12.88 -3.03
N ARG B 128 -9.36 13.90 -3.50
CA ARG B 128 -8.30 13.66 -4.47
C ARG B 128 -7.20 12.78 -3.90
N GLN B 129 -6.71 13.11 -2.70
CA GLN B 129 -5.71 12.26 -2.04
C GLN B 129 -6.27 10.85 -1.80
N ASN B 130 -7.48 10.76 -1.25
CA ASN B 130 -8.08 9.43 -1.14
C ASN B 130 -8.07 8.66 -2.46
N ASP B 131 -8.67 9.25 -3.50
CA ASP B 131 -8.60 8.71 -4.84
C ASP B 131 -7.19 8.27 -5.24
N GLU B 132 -6.18 9.08 -4.95
CA GLU B 132 -4.80 8.70 -5.24
C GLU B 132 -4.45 7.35 -4.63
N TYR B 133 -4.92 7.16 -3.40
CA TYR B 133 -4.51 6.03 -2.61
C TYR B 133 -5.20 4.78 -3.07
N VAL B 134 -6.49 4.89 -3.35
CA VAL B 134 -7.20 3.77 -3.89
C VAL B 134 -6.58 3.37 -5.25
N ARG B 135 -6.33 4.34 -6.12
CA ARG B 135 -5.73 4.02 -7.41
C ARG B 135 -4.37 3.31 -7.22
N TYR B 136 -3.58 3.80 -6.26
CA TYR B 136 -2.27 3.21 -5.98
C TYR B 136 -2.36 1.75 -5.54
N MSE B 137 -3.31 1.47 -4.64
CA MSE B 137 -3.45 0.10 -4.16
CA MSE B 137 -3.55 0.12 -4.14
C MSE B 137 -4.05 -0.83 -5.21
O MSE B 137 -3.67 -1.99 -5.29
CB MSE B 137 -4.21 0.01 -2.82
CB MSE B 137 -4.56 0.16 -3.00
CG MSE B 137 -3.49 0.68 -1.62
CG MSE B 137 -3.95 0.14 -1.61
SE MSE B 137 -1.63 0.18 -1.15
SE MSE B 137 -5.20 0.61 -0.20
CE MSE B 137 -1.78 -1.73 -0.74
CE MSE B 137 -6.87 0.01 -1.06
N LEU B 138 -4.96 -0.35 -6.05
CA LEU B 138 -5.51 -1.19 -7.11
C LEU B 138 -4.46 -1.44 -8.16
N LYS B 139 -3.78 -0.38 -8.59
CA LYS B 139 -2.73 -0.52 -9.59
C LYS B 139 -1.56 -1.38 -9.10
N ALA B 140 -1.28 -1.39 -7.81
CA ALA B 140 -0.21 -2.24 -7.28
C ALA B 140 -0.49 -3.74 -7.50
N VAL B 141 -1.74 -4.16 -7.25
CA VAL B 141 -2.08 -5.56 -7.44
C VAL B 141 -1.87 -5.92 -8.90
N ILE B 142 -2.42 -5.08 -9.77
CA ILE B 142 -2.38 -5.30 -11.19
C ILE B 142 -0.94 -5.42 -11.65
N ASN B 143 -0.11 -4.48 -11.27
CA ASN B 143 1.28 -4.60 -11.59
C ASN B 143 1.91 -5.91 -11.09
N HIS B 144 1.64 -6.24 -9.82
CA HIS B 144 2.21 -7.43 -9.24
C HIS B 144 1.83 -8.63 -10.10
N GLY B 145 0.55 -8.70 -10.43
CA GLY B 145 0.03 -9.78 -11.23
C GLY B 145 0.65 -9.88 -12.60
N ILE B 146 0.94 -8.73 -13.21
CA ILE B 146 1.69 -8.73 -14.46
C ILE B 146 3.11 -9.36 -14.25
N ASP B 147 3.86 -8.88 -13.25
CA ASP B 147 5.20 -9.41 -12.99
C ASP B 147 5.11 -10.92 -12.76
N GLU B 148 4.14 -11.34 -11.98
CA GLU B 148 3.93 -12.75 -11.70
C GLU B 148 3.51 -13.53 -12.95
N GLY B 149 3.18 -12.82 -14.03
CA GLY B 149 2.71 -13.46 -15.25
C GLY B 149 1.27 -13.96 -15.22
N VAL B 150 0.45 -13.44 -14.29
CA VAL B 150 -0.92 -13.97 -14.13
C VAL B 150 -2.00 -13.04 -14.70
N PHE B 151 -1.60 -11.84 -15.09
CA PHE B 151 -2.44 -10.89 -15.81
C PHE B 151 -1.70 -10.46 -17.04
N THR B 152 -2.39 -10.27 -18.14
CA THR B 152 -1.78 -9.71 -19.33
C THR B 152 -1.04 -8.40 -19.02
N ASP B 153 0.08 -8.18 -19.69
CA ASP B 153 0.74 -6.86 -19.60
C ASP B 153 -0.22 -5.88 -20.20
N VAL B 154 -0.59 -4.87 -19.44
CA VAL B 154 -1.78 -4.11 -19.77
C VAL B 154 -1.49 -2.65 -19.42
N ASP B 155 -2.28 -1.70 -19.93
CA ASP B 155 -2.11 -0.35 -19.41
C ASP B 155 -2.76 -0.29 -18.02
N ALA B 156 -1.92 -0.49 -17.01
CA ALA B 156 -2.33 -0.67 -15.64
C ALA B 156 -2.93 0.59 -15.10
N GLU B 157 -2.51 1.72 -15.65
CA GLU B 157 -3.03 3.02 -15.22
C GLU B 157 -4.48 3.18 -15.68
N HIS B 158 -4.72 2.85 -16.96
CA HIS B 158 -6.06 2.89 -17.51
C HIS B 158 -6.95 1.82 -16.89
N VAL B 159 -6.50 0.57 -16.84
CA VAL B 159 -7.35 -0.47 -16.24
C VAL B 159 -7.72 -0.07 -14.83
N THR B 160 -6.77 0.46 -14.07
CA THR B 160 -7.08 0.93 -12.74
C THR B 160 -8.12 2.03 -12.70
N ARG B 161 -7.94 3.08 -13.49
CA ARG B 161 -8.93 4.13 -13.39
C ARG B 161 -10.29 3.74 -13.98
N SER B 162 -10.28 2.81 -14.93
CA SER B 162 -11.49 2.18 -15.39
C SER B 162 -12.25 1.54 -14.23
N LEU B 163 -11.53 0.79 -13.37
CA LEU B 163 -12.19 0.20 -12.21
C LEU B 163 -12.76 1.27 -11.27
N LEU B 164 -12.07 2.41 -11.17
CA LEU B 164 -12.52 3.55 -10.37
C LEU B 164 -13.77 4.22 -10.95
N THR B 165 -13.87 4.28 -12.27
CA THR B 165 -15.04 4.83 -12.88
C THR B 165 -16.22 3.94 -12.47
N ILE B 166 -16.09 2.64 -12.67
CA ILE B 166 -17.13 1.71 -12.25
C ILE B 166 -17.49 1.87 -10.74
N ILE B 167 -16.48 1.96 -9.86
CA ILE B 167 -16.74 2.06 -8.41
C ILE B 167 -17.47 3.35 -8.09
N ASP B 168 -17.00 4.46 -8.65
CA ASP B 168 -17.63 5.77 -8.40
C ASP B 168 -19.05 5.88 -8.96
N GLY B 169 -19.28 5.37 -10.14
CA GLY B 169 -20.65 5.33 -10.69
C GLY B 169 -21.59 4.55 -9.80
N ALA B 170 -21.12 3.40 -9.27
CA ALA B 170 -21.90 2.59 -8.33
C ALA B 170 -22.28 3.37 -7.08
N ARG B 171 -21.35 4.13 -6.52
CA ARG B 171 -21.63 4.88 -5.31
C ARG B 171 -22.71 5.93 -5.59
N THR B 172 -22.56 6.62 -6.73
CA THR B 172 -23.49 7.66 -7.18
C THR B 172 -24.86 7.07 -7.45
N ARG B 173 -24.89 6.02 -8.26
CA ARG B 173 -26.15 5.44 -8.67
C ARG B 173 -26.92 4.85 -7.51
N ALA B 174 -26.21 4.28 -6.55
CA ALA B 174 -26.84 3.66 -5.39
C ALA B 174 -27.60 4.66 -4.53
N VAL B 175 -27.11 5.90 -4.42
CA VAL B 175 -27.95 6.89 -3.71
C VAL B 175 -28.96 7.58 -4.62
N MSE B 176 -28.54 7.92 -5.84
CA MSE B 176 -29.36 8.77 -6.71
C MSE B 176 -30.65 8.01 -7.05
O MSE B 176 -31.75 8.59 -7.02
CB MSE B 176 -28.58 9.17 -7.96
CG MSE B 176 -29.07 10.41 -8.69
SE MSE B 176 -28.50 10.48 -10.61
CE MSE B 176 -28.91 8.66 -11.21
N LEU B 177 -30.52 6.72 -7.31
CA LEU B 177 -31.67 5.88 -7.63
C LEU B 177 -32.13 5.08 -6.42
N ASP B 178 -31.53 5.37 -5.27
CA ASP B 178 -31.96 4.81 -3.98
C ASP B 178 -32.09 3.28 -4.08
N ASP B 179 -30.95 2.62 -4.21
CA ASP B 179 -30.93 1.19 -4.51
C ASP B 179 -29.50 0.64 -4.27
N THR B 180 -29.31 -0.04 -3.14
CA THR B 180 -27.98 -0.58 -2.84
C THR B 180 -27.58 -1.77 -3.70
N GLU B 181 -28.54 -2.39 -4.41
CA GLU B 181 -28.18 -3.50 -5.31
C GLU B 181 -27.37 -2.95 -6.50
N GLU B 182 -27.41 -1.64 -6.61
CA GLU B 182 -26.66 -0.91 -7.61
C GLU B 182 -25.14 -1.15 -7.42
N LEU B 183 -24.73 -1.36 -6.17
CA LEU B 183 -23.36 -1.81 -5.88
C LEU B 183 -23.13 -3.28 -6.25
N GLU B 184 -24.14 -4.15 -6.12
CA GLU B 184 -24.02 -5.55 -6.48
C GLU B 184 -23.72 -5.71 -7.97
N THR B 185 -24.42 -4.97 -8.83
CA THR B 185 -24.27 -5.15 -10.28
C THR B 185 -22.93 -4.59 -10.71
N ALA B 186 -22.51 -3.51 -10.07
CA ALA B 186 -21.17 -2.93 -10.29
C ALA B 186 -20.04 -3.89 -9.90
N ARG B 187 -20.27 -4.71 -8.87
CA ARG B 187 -19.23 -5.66 -8.47
C ARG B 187 -19.02 -6.64 -9.63
N GLN B 188 -20.13 -7.12 -10.20
CA GLN B 188 -20.12 -7.98 -11.37
C GLN B 188 -19.48 -7.30 -12.58
N THR B 189 -19.89 -6.06 -12.87
CA THR B 189 -19.29 -5.28 -13.97
C THR B 189 -17.79 -5.24 -13.79
N ALA B 190 -17.34 -4.97 -12.57
CA ALA B 190 -15.92 -4.76 -12.33
C ALA B 190 -15.14 -6.05 -12.60
N SER B 191 -15.70 -7.18 -12.20
CA SER B 191 -15.09 -8.46 -12.46
C SER B 191 -15.19 -8.78 -13.93
N GLU B 192 -16.26 -8.40 -14.58
CA GLU B 192 -16.36 -8.65 -16.00
C GLU B 192 -15.29 -7.87 -16.74
N TYR B 193 -15.13 -6.59 -16.37
CA TYR B 193 -14.13 -5.72 -17.00
C TYR B 193 -12.71 -6.20 -16.73
N ALA B 194 -12.36 -6.35 -15.47
CA ALA B 194 -10.99 -6.64 -15.07
C ALA B 194 -10.52 -7.90 -15.74
N ASP B 195 -11.34 -8.94 -15.68
CA ASP B 195 -10.78 -10.12 -16.26
C ASP B 195 -10.91 -10.20 -17.81
N ALA B 196 -11.68 -9.31 -18.40
CA ALA B 196 -11.61 -9.11 -19.85
C ALA B 196 -10.29 -8.43 -20.25
N MSE B 197 -9.80 -7.54 -19.39
CA MSE B 197 -8.57 -6.84 -19.63
C MSE B 197 -7.37 -7.69 -19.24
O MSE B 197 -6.42 -7.84 -20.02
CB MSE B 197 -8.52 -5.55 -18.82
CG MSE B 197 -9.48 -4.47 -19.27
SE MSE B 197 -9.70 -4.23 -21.21
CE MSE B 197 -11.37 -5.17 -21.49
N LEU B 198 -7.41 -8.23 -18.01
CA LEU B 198 -6.26 -8.89 -17.37
C LEU B 198 -6.03 -10.35 -17.74
N GLN B 199 -7.11 -11.10 -17.89
CA GLN B 199 -7.06 -12.57 -18.07
C GLN B 199 -7.49 -12.90 -19.49
N ASP C 14 -10.34 -7.43 25.19
CA ASP C 14 -10.83 -6.15 25.79
C ASP C 14 -9.70 -5.18 26.11
N GLN C 15 -8.52 -5.70 26.47
CA GLN C 15 -7.35 -4.87 26.77
C GLN C 15 -6.03 -5.67 26.78
N THR C 16 -5.91 -6.61 25.85
CA THR C 16 -4.75 -7.53 25.79
C THR C 16 -3.49 -6.93 25.13
N GLU C 17 -3.61 -5.70 24.62
CA GLU C 17 -2.48 -4.98 24.00
C GLU C 17 -1.43 -4.50 25.02
N GLU C 18 -1.72 -4.74 26.30
CA GLU C 18 -0.80 -4.45 27.40
C GLU C 18 -0.18 -5.74 27.97
N ILE C 19 -0.69 -6.89 27.50
CA ILE C 19 -0.17 -8.19 27.88
C ILE C 19 1.28 -8.37 27.42
N MSE C 20 1.60 -7.78 26.27
CA MSE C 20 2.94 -7.84 25.69
C MSE C 20 3.69 -6.50 25.74
O MSE C 20 4.78 -6.38 25.19
CB MSE C 20 2.88 -8.38 24.26
N GLN C 21 3.09 -5.50 26.40
CA GLN C 21 3.69 -4.17 26.53
C GLN C 21 4.92 -4.17 27.44
N ALA C 22 4.73 -4.61 28.70
CA ALA C 22 5.83 -4.76 29.64
C ALA C 22 6.56 -6.10 29.43
N THR C 23 5.86 -7.09 28.89
CA THR C 23 6.40 -8.43 28.61
C THR C 23 7.35 -8.45 27.40
N TYR C 24 7.70 -7.27 26.94
CA TYR C 24 8.72 -7.10 25.92
C TYR C 24 10.09 -7.05 26.58
N ARG C 25 10.13 -6.46 27.78
CA ARG C 25 11.37 -6.25 28.54
C ARG C 25 12.21 -7.50 28.78
N ALA C 26 11.59 -8.68 28.60
CA ALA C 26 12.29 -9.97 28.72
C ALA C 26 13.77 -9.88 28.28
N LEU C 27 14.00 -9.30 27.09
CA LEU C 27 15.35 -9.05 26.58
C LEU C 27 15.79 -7.58 26.82
N ARG C 28 15.92 -7.22 28.12
CA ARG C 28 16.37 -5.86 28.46
C ARG C 28 17.24 -5.85 29.85
N ASP C 34 17.95 -18.63 27.47
CA ASP C 34 17.64 -17.17 27.29
C ASP C 34 16.49 -16.72 28.21
N LEU C 35 15.24 -16.79 27.71
CA LEU C 35 14.07 -16.23 28.41
C LEU C 35 13.19 -17.28 29.07
N THR C 36 12.80 -17.02 30.33
CA THR C 36 12.05 -17.99 31.15
C THR C 36 10.57 -17.63 31.30
N ILE C 37 9.76 -18.62 31.65
CA ILE C 37 8.30 -18.47 31.79
C ILE C 37 7.93 -17.47 32.88
N GLN C 38 8.55 -17.66 34.05
CA GLN C 38 8.32 -16.82 35.24
C GLN C 38 9.12 -15.52 35.22
N ARG C 39 10.36 -15.59 34.73
CA ARG C 39 11.26 -14.43 34.65
C ARG C 39 10.66 -13.37 33.71
N ILE C 40 9.47 -13.69 33.20
CA ILE C 40 8.71 -12.82 32.29
C ILE C 40 7.58 -12.09 33.02
N ALA C 41 6.75 -12.83 33.75
CA ALA C 41 5.63 -12.25 34.48
C ALA C 41 6.06 -11.38 35.67
N ASP C 42 7.33 -11.52 36.08
CA ASP C 42 7.92 -10.74 37.18
C ASP C 42 8.04 -9.24 36.85
N GLU C 43 8.09 -8.91 35.57
CA GLU C 43 8.08 -7.51 35.11
C GLU C 43 6.68 -7.11 34.61
N TYR C 44 6.10 -7.94 33.75
CA TYR C 44 4.75 -7.75 33.23
C TYR C 44 3.69 -7.96 34.32
N SER C 47 3.52 -13.16 38.10
CA SER C 47 4.05 -14.43 38.60
C SER C 47 3.73 -15.61 37.67
N THR C 48 4.47 -16.71 37.84
CA THR C 48 4.20 -17.98 37.16
C THR C 48 2.89 -18.61 37.65
N ALA C 49 2.46 -18.19 38.84
CA ALA C 49 1.15 -18.55 39.38
C ALA C 49 0.14 -17.40 39.18
N ALA C 50 0.51 -16.43 38.34
CA ALA C 50 -0.40 -15.32 37.97
C ALA C 50 -0.85 -15.45 36.52
N VAL C 51 -0.21 -14.74 35.61
CA VAL C 51 -0.59 -14.73 34.18
C VAL C 51 -0.17 -16.01 33.43
N HIS C 52 -0.34 -17.15 34.11
CA HIS C 52 0.09 -18.47 33.61
C HIS C 52 -0.75 -18.99 32.44
N TYR C 53 -2.04 -19.17 32.69
CA TYR C 53 -2.99 -19.69 31.70
C TYR C 53 -3.20 -18.75 30.52
N TYR C 54 -2.61 -17.56 30.62
CA TYR C 54 -2.68 -16.54 29.56
C TYR C 54 -2.32 -17.08 28.16
N TYR C 55 -1.42 -18.06 28.11
CA TYR C 55 -1.13 -18.79 26.86
C TYR C 55 -0.81 -20.26 27.15
N ASP C 56 -1.37 -21.16 26.33
CA ASP C 56 -1.30 -22.62 26.58
C ASP C 56 0.09 -23.26 26.42
N THR C 57 0.96 -22.63 25.63
CA THR C 57 2.31 -23.15 25.41
C THR C 57 3.38 -22.09 25.70
N LYS C 58 4.49 -22.53 26.30
CA LYS C 58 5.65 -21.65 26.53
C LYS C 58 6.17 -21.12 25.19
N ASP C 59 5.97 -21.93 24.15
CA ASP C 59 6.27 -21.54 22.78
C ASP C 59 5.26 -20.52 22.25
N ASP C 60 3.97 -20.75 22.55
CA ASP C 60 2.84 -19.95 22.04
C ASP C 60 2.90 -18.48 22.45
N LEU C 61 3.30 -18.22 23.70
CA LEU C 61 3.52 -16.85 24.18
C LEU C 61 4.43 -16.06 23.23
N LEU C 62 5.56 -16.69 22.86
CA LEU C 62 6.52 -16.12 21.93
C LEU C 62 5.91 -15.95 20.54
N ALA C 63 5.12 -16.93 20.11
CA ALA C 63 4.46 -16.92 18.81
C ALA C 63 3.68 -15.63 18.55
N ALA C 64 2.82 -15.26 19.50
CA ALA C 64 2.04 -14.02 19.43
C ALA C 64 2.94 -12.79 19.37
N PHE C 65 4.02 -12.82 20.15
CA PHE C 65 4.95 -11.70 20.26
C PHE C 65 5.63 -11.34 18.93
N LEU C 66 5.93 -12.35 18.11
CA LEU C 66 6.34 -12.11 16.74
C LEU C 66 5.24 -11.37 16.01
N ASP C 67 4.03 -11.94 16.05
CA ASP C 67 2.89 -11.35 15.38
C ASP C 67 2.48 -10.02 15.99
N TYR C 68 3.18 -9.63 17.06
CA TYR C 68 2.96 -8.31 17.65
C TYR C 68 3.95 -7.32 17.07
N LEU C 69 5.24 -7.52 17.34
CA LEU C 69 6.28 -6.61 16.86
C LEU C 69 6.29 -6.52 15.33
N LEU C 70 5.91 -7.61 14.69
CA LEU C 70 5.73 -7.62 13.24
C LEU C 70 4.45 -6.90 12.81
N GLU C 71 3.44 -6.88 13.67
CA GLU C 71 2.15 -6.22 13.34
C GLU C 71 2.26 -4.69 13.30
N ARG C 72 2.85 -4.08 14.33
CA ARG C 72 3.09 -2.63 14.35
C ARG C 72 4.28 -2.25 13.47
N PHE C 73 5.12 -3.25 13.17
CA PHE C 73 6.13 -3.13 12.13
C PHE C 73 5.48 -2.97 10.76
N VAL C 74 4.22 -3.42 10.65
CA VAL C 74 3.42 -3.29 9.42
C VAL C 74 2.53 -2.06 9.51
N ASP C 75 1.67 -2.01 10.54
CA ASP C 75 0.80 -0.87 10.85
C ASP C 75 1.44 0.46 10.51
N SER C 76 2.71 0.60 10.90
CA SER C 76 3.48 1.80 10.64
C SER C 76 3.49 2.12 9.15
N ILE C 77 4.13 1.23 8.35
CA ILE C 77 4.32 1.46 6.91
C ILE C 77 3.04 1.83 6.16
N HIS C 78 1.91 1.22 6.54
CA HIS C 78 0.65 1.59 5.93
C HIS C 78 0.33 3.05 6.20
N ASP C 79 1.05 3.62 7.16
CA ASP C 79 0.86 5.02 7.56
C ASP C 79 1.34 6.02 6.53
N VAL C 80 2.30 5.60 5.70
CA VAL C 80 2.69 6.43 4.58
C VAL C 80 1.65 6.25 3.48
N GLU C 81 0.77 7.24 3.36
CA GLU C 81 -0.27 7.28 2.34
C GLU C 81 0.22 8.06 1.13
N THR C 82 1.35 8.74 1.30
CA THR C 82 2.02 9.45 0.22
C THR C 82 2.08 8.55 -1.01
N THR C 83 1.79 9.13 -2.16
CA THR C 83 1.70 8.39 -3.41
C THR C 83 2.84 8.63 -4.37
N ASP C 84 3.45 9.80 -4.32
CA ASP C 84 4.43 10.08 -5.36
C ASP C 84 5.67 9.19 -5.14
N PRO C 85 6.17 8.57 -6.22
CA PRO C 85 7.09 7.45 -6.08
C PRO C 85 8.35 7.73 -5.26
N GLU C 86 8.94 8.88 -5.45
CA GLU C 86 10.20 9.25 -4.83
C GLU C 86 10.02 9.50 -3.33
N ALA C 87 9.03 10.30 -2.97
CA ALA C 87 8.80 10.55 -1.56
C ALA C 87 8.49 9.25 -0.85
N ARG C 88 7.68 8.41 -1.48
CA ARG C 88 7.21 7.19 -0.86
C ARG C 88 8.34 6.22 -0.59
N LEU C 89 9.13 5.95 -1.62
CA LEU C 89 10.23 5.01 -1.51
C LEU C 89 11.09 5.47 -0.35
N ASN C 90 11.28 6.78 -0.25
CA ASN C 90 12.09 7.39 0.80
C ASN C 90 11.52 7.29 2.19
N LEU C 91 10.20 7.34 2.28
CA LEU C 91 9.55 7.23 3.57
C LEU C 91 9.50 5.77 3.98
N LEU C 92 9.39 4.88 3.02
CA LEU C 92 9.45 3.47 3.34
C LEU C 92 10.83 3.13 3.86
N LEU C 93 11.88 3.55 3.15
CA LEU C 93 13.25 3.37 3.58
C LEU C 93 13.51 3.96 4.96
N ASP C 94 12.92 5.14 5.20
CA ASP C 94 12.92 5.80 6.52
C ASP C 94 12.40 4.90 7.63
N GLU C 95 11.28 4.23 7.39
CA GLU C 95 10.68 3.38 8.42
C GLU C 95 11.55 2.16 8.72
N LEU C 96 12.08 1.57 7.67
CA LEU C 96 12.92 0.40 7.78
C LEU C 96 14.31 0.67 8.39
N LEU C 97 14.83 1.89 8.24
CA LEU C 97 16.22 2.21 8.62
C LEU C 97 16.40 3.38 9.58
N VAL C 98 15.54 4.37 9.55
CA VAL C 98 15.68 5.49 10.47
C VAL C 98 14.90 5.33 11.76
N LYS C 99 13.62 5.02 11.64
CA LYS C 99 12.76 4.72 12.81
C LYS C 99 13.32 3.70 13.83
N PRO C 100 13.97 2.60 13.37
CA PRO C 100 14.60 1.66 14.29
C PRO C 100 15.85 2.16 15.00
N GLN C 101 16.37 3.33 14.64
CA GLN C 101 17.46 3.94 15.40
C GLN C 101 16.95 4.20 16.82
N GLU C 102 15.72 4.71 16.91
CA GLU C 102 14.93 4.73 18.16
C GLU C 102 14.62 3.30 18.60
N ASN C 103 14.69 3.05 19.91
CA ASN C 103 14.49 1.71 20.47
C ASN C 103 15.32 0.64 19.75
N PRO C 104 16.62 0.52 20.11
CA PRO C 104 17.51 -0.45 19.45
C PRO C 104 17.32 -1.88 20.00
N ASP C 105 16.78 -1.99 21.21
CA ASP C 105 16.46 -3.26 21.86
C ASP C 105 15.42 -4.07 21.06
N LEU C 106 14.50 -3.36 20.43
CA LEU C 106 13.60 -3.96 19.47
C LEU C 106 14.43 -4.85 18.53
N SER C 107 15.43 -4.24 17.87
CA SER C 107 16.19 -4.92 16.83
C SER C 107 17.18 -5.98 17.34
N VAL C 108 17.56 -5.90 18.62
CA VAL C 108 18.35 -6.97 19.26
C VAL C 108 17.46 -8.22 19.40
N ALA C 109 16.16 -7.98 19.55
CA ALA C 109 15.17 -9.04 19.63
C ALA C 109 14.90 -9.69 18.27
N LEU C 110 14.59 -8.87 17.26
CA LEU C 110 14.46 -9.38 15.90
C LEU C 110 15.54 -10.42 15.64
N LEU C 111 16.79 -10.07 15.92
CA LEU C 111 17.92 -10.97 15.71
C LEU C 111 17.85 -12.23 16.59
N GLU C 112 17.45 -12.06 17.85
CA GLU C 112 17.17 -13.21 18.72
C GLU C 112 16.19 -14.13 18.02
N MSE C 113 15.06 -13.56 17.60
CA MSE C 113 13.97 -14.27 16.92
C MSE C 113 14.43 -14.93 15.63
O MSE C 113 14.23 -16.14 15.42
CB MSE C 113 12.82 -13.30 16.61
CG MSE C 113 12.26 -12.59 17.82
SE MSE C 113 11.60 -13.96 19.00
CE MSE C 113 11.78 -13.09 20.75
N ARG C 114 15.03 -14.13 14.76
CA ARG C 114 15.53 -14.56 13.46
C ARG C 114 16.56 -15.66 13.59
N SER C 115 17.29 -15.66 14.70
CA SER C 115 18.30 -16.66 14.96
C SER C 115 17.67 -18.02 15.24
N GLN C 116 16.52 -18.02 15.93
CA GLN C 116 15.86 -19.26 16.33
C GLN C 116 14.95 -19.81 15.23
N ALA C 117 14.86 -19.07 14.11
CA ALA C 117 14.00 -19.44 12.98
C ALA C 117 14.32 -20.79 12.33
N PRO C 118 15.60 -21.06 12.02
CA PRO C 118 15.93 -22.34 11.37
C PRO C 118 15.61 -23.54 12.24
N TYR C 119 15.10 -23.28 13.44
CA TYR C 119 14.80 -24.34 14.39
C TYR C 119 13.33 -24.33 14.84
N LYS C 120 12.59 -23.28 14.47
CA LYS C 120 11.19 -23.20 14.83
C LYS C 120 10.27 -23.07 13.61
N GLU C 121 9.35 -24.02 13.50
CA GLU C 121 8.33 -24.04 12.46
C GLU C 121 7.66 -22.67 12.37
N ALA C 122 6.91 -22.33 13.43
CA ALA C 122 6.17 -21.06 13.52
C ALA C 122 6.98 -19.84 13.10
N PHE C 123 8.12 -19.66 13.76
CA PHE C 123 8.96 -18.49 13.59
C PHE C 123 9.35 -18.28 12.13
N SER C 124 9.93 -19.32 11.54
CA SER C 124 10.39 -19.28 10.17
C SER C 124 9.31 -18.80 9.19
N ASP C 125 8.24 -19.56 9.03
CA ASP C 125 7.25 -19.20 8.01
C ASP C 125 6.56 -17.87 8.33
N ARG C 126 6.52 -17.49 9.62
CA ARG C 126 6.06 -16.14 10.00
C ARG C 126 6.96 -15.07 9.40
N PHE C 127 8.27 -15.25 9.52
CA PHE C 127 9.23 -14.34 8.90
C PHE C 127 9.11 -14.28 7.38
N ARG C 128 8.92 -15.43 6.74
CA ARG C 128 8.80 -15.53 5.26
C ARG C 128 7.60 -14.74 4.74
N GLN C 129 6.46 -14.99 5.34
CA GLN C 129 5.24 -14.32 4.99
C GLN C 129 5.42 -12.80 5.20
N ASN C 130 5.93 -12.39 6.36
CA ASN C 130 6.25 -10.98 6.60
C ASN C 130 7.21 -10.39 5.56
N ASP C 131 8.22 -11.18 5.17
CA ASP C 131 9.19 -10.74 4.16
C ASP C 131 8.55 -10.63 2.79
N GLU C 132 7.57 -11.48 2.52
CA GLU C 132 6.78 -11.43 1.29
C GLU C 132 5.99 -10.12 1.18
N TYR C 133 5.42 -9.67 2.29
CA TYR C 133 4.53 -8.54 2.26
C TYR C 133 5.38 -7.26 2.12
N VAL C 134 6.50 -7.22 2.84
CA VAL C 134 7.42 -6.10 2.72
C VAL C 134 7.97 -6.05 1.30
N ARG C 135 8.29 -7.18 0.71
CA ARG C 135 8.71 -7.20 -0.69
C ARG C 135 7.58 -6.68 -1.59
N TYR C 136 6.34 -7.02 -1.25
CA TYR C 136 5.23 -6.54 -2.04
C TYR C 136 5.11 -5.03 -1.97
N MSE C 137 5.09 -4.47 -0.76
CA MSE C 137 4.85 -3.06 -0.59
CA MSE C 137 4.83 -3.06 -0.63
C MSE C 137 5.98 -2.27 -1.20
O MSE C 137 5.78 -1.22 -1.82
CB MSE C 137 4.64 -2.71 0.89
CB MSE C 137 4.44 -2.66 0.80
CG MSE C 137 5.85 -2.88 1.76
CG MSE C 137 2.90 -2.61 1.05
SE MSE C 137 5.68 -2.04 3.51
SE MSE C 137 1.75 -1.45 -0.12
CE MSE C 137 7.54 -2.19 4.07
CE MSE C 137 3.04 -0.02 -0.56
N LEU C 138 7.20 -2.77 -1.03
CA LEU C 138 8.34 -2.11 -1.58
C LEU C 138 8.38 -2.19 -3.12
N LYS C 139 7.99 -3.32 -3.68
CA LYS C 139 8.05 -3.44 -5.13
C LYS C 139 6.92 -2.67 -5.77
N ALA C 140 5.79 -2.59 -5.09
CA ALA C 140 4.74 -1.69 -5.56
C ALA C 140 5.24 -0.26 -5.79
N VAL C 141 6.05 0.31 -4.89
CA VAL C 141 6.48 1.71 -5.11
C VAL C 141 7.44 1.87 -6.27
N ILE C 142 8.36 0.93 -6.41
CA ILE C 142 9.24 0.87 -7.57
C ILE C 142 8.47 0.74 -8.89
N ASN C 143 7.45 -0.12 -8.93
CA ASN C 143 6.58 -0.25 -10.10
C ASN C 143 5.77 1.04 -10.36
N HIS C 144 5.46 1.78 -9.31
CA HIS C 144 4.64 2.97 -9.48
C HIS C 144 5.52 4.00 -10.17
N GLY C 145 6.68 4.22 -9.55
CA GLY C 145 7.71 5.07 -10.10
C GLY C 145 7.93 4.82 -11.56
N ILE C 146 8.10 3.56 -11.93
CA ILE C 146 8.30 3.22 -13.32
C ILE C 146 7.15 3.77 -14.19
N ASP C 147 5.92 3.27 -14.00
CA ASP C 147 4.75 3.76 -14.70
C ASP C 147 4.76 5.28 -14.80
N GLU C 148 4.87 5.95 -13.66
CA GLU C 148 4.91 7.40 -13.62
C GLU C 148 6.03 8.01 -14.47
N GLY C 149 7.14 7.31 -14.66
CA GLY C 149 8.28 7.85 -15.40
C GLY C 149 9.43 8.32 -14.55
N VAL C 150 9.26 8.36 -13.22
CA VAL C 150 10.27 8.89 -12.31
C VAL C 150 11.40 7.89 -12.07
N PHE C 151 11.15 6.62 -12.38
CA PHE C 151 12.19 5.60 -12.25
C PHE C 151 12.40 4.96 -13.60
N THR C 152 13.62 4.54 -13.87
CA THR C 152 13.94 3.78 -15.08
C THR C 152 13.34 2.39 -14.96
N ASP C 153 13.00 1.77 -16.08
CA ASP C 153 12.55 0.38 -16.09
C ASP C 153 13.68 -0.51 -15.61
N VAL C 154 13.35 -1.47 -14.77
CA VAL C 154 14.33 -2.11 -13.93
C VAL C 154 13.71 -3.41 -13.48
N ASP C 155 14.50 -4.44 -13.29
CA ASP C 155 14.02 -5.67 -12.66
C ASP C 155 13.63 -5.21 -11.26
N ALA C 156 12.36 -4.91 -11.10
CA ALA C 156 11.85 -4.39 -9.84
C ALA C 156 12.04 -5.40 -8.70
N GLU C 157 11.87 -6.69 -8.99
CA GLU C 157 12.00 -7.72 -7.98
C GLU C 157 13.41 -7.71 -7.42
N HIS C 158 14.39 -7.63 -8.32
CA HIS C 158 15.77 -7.64 -7.89
C HIS C 158 16.15 -6.39 -7.07
N VAL C 159 15.65 -5.22 -7.50
CA VAL C 159 15.93 -3.99 -6.78
C VAL C 159 15.34 -4.00 -5.40
N THR C 160 14.09 -4.47 -5.26
CA THR C 160 13.47 -4.43 -3.94
C THR C 160 14.20 -5.39 -3.03
N ARG C 161 14.45 -6.59 -3.56
CA ARG C 161 15.28 -7.62 -2.93
C ARG C 161 16.61 -7.01 -2.44
N SER C 162 17.30 -6.27 -3.31
CA SER C 162 18.55 -5.65 -2.93
C SER C 162 18.37 -4.72 -1.73
N LEU C 163 17.30 -3.91 -1.75
CA LEU C 163 17.10 -2.92 -0.68
C LEU C 163 16.88 -3.63 0.63
N LEU C 164 16.21 -4.78 0.55
CA LEU C 164 15.99 -5.62 1.69
C LEU C 164 17.31 -6.20 2.23
N THR C 165 18.22 -6.51 1.33
CA THR C 165 19.50 -7.05 1.76
C THR C 165 20.29 -5.97 2.49
N ILE C 166 20.31 -4.76 1.91
CA ILE C 166 20.94 -3.62 2.54
C ILE C 166 20.32 -3.36 3.91
N ILE C 167 19.01 -3.53 4.03
CA ILE C 167 18.31 -3.22 5.28
C ILE C 167 18.58 -4.26 6.35
N ASP C 168 18.54 -5.53 5.97
CA ASP C 168 18.81 -6.55 6.97
C ASP C 168 20.26 -6.50 7.42
N GLY C 169 21.16 -6.21 6.48
CA GLY C 169 22.58 -6.05 6.79
C GLY C 169 22.76 -4.96 7.83
N ALA C 170 22.04 -3.85 7.63
CA ALA C 170 22.07 -2.78 8.62
C ALA C 170 21.67 -3.28 10.00
N ARG C 171 20.50 -3.91 10.12
CA ARG C 171 20.01 -4.39 11.40
C ARG C 171 21.05 -5.32 12.04
N THR C 172 21.60 -6.24 11.25
CA THR C 172 22.56 -7.20 11.75
C THR C 172 23.80 -6.48 12.29
N ARG C 173 24.50 -5.74 11.44
CA ARG C 173 25.74 -5.08 11.88
C ARG C 173 25.55 -4.20 13.12
N ALA C 174 24.37 -3.58 13.25
CA ALA C 174 24.09 -2.64 14.35
C ALA C 174 24.02 -3.31 15.70
N VAL C 175 23.47 -4.52 15.75
CA VAL C 175 23.45 -5.23 17.02
C VAL C 175 24.78 -5.94 17.24
N MSE C 176 25.44 -6.35 16.17
CA MSE C 176 26.70 -7.07 16.30
C MSE C 176 27.79 -6.14 16.82
O MSE C 176 28.51 -6.51 17.72
CB MSE C 176 27.10 -7.69 14.98
CG MSE C 176 28.47 -8.32 14.99
SE MSE C 176 28.88 -9.07 13.24
CE MSE C 176 29.32 -7.45 12.22
N LEU C 177 27.89 -4.95 16.25
CA LEU C 177 28.91 -3.99 16.66
C LEU C 177 28.38 -2.99 17.69
N ASP C 178 27.18 -3.24 18.21
CA ASP C 178 26.63 -2.47 19.31
C ASP C 178 26.62 -0.97 18.98
N ASP C 179 26.39 -0.67 17.71
CA ASP C 179 26.63 0.66 17.15
C ASP C 179 25.57 1.05 16.14
N THR C 180 24.82 2.09 16.47
CA THR C 180 23.67 2.49 15.67
C THR C 180 24.03 3.45 14.53
N GLU C 181 25.30 3.78 14.39
CA GLU C 181 25.73 4.49 13.19
C GLU C 181 25.65 3.55 11.99
N GLU C 182 25.56 2.24 12.26
CA GLU C 182 25.44 1.28 11.17
C GLU C 182 24.16 1.59 10.40
N LEU C 183 23.09 1.91 11.13
CA LEU C 183 21.83 2.23 10.53
C LEU C 183 21.89 3.50 9.69
N GLU C 184 22.58 4.53 10.18
CA GLU C 184 22.63 5.77 9.42
C GLU C 184 23.46 5.67 8.15
N THR C 185 24.62 5.02 8.24
CA THR C 185 25.42 4.78 7.03
C THR C 185 24.62 3.92 6.05
N ALA C 186 24.07 2.79 6.49
CA ALA C 186 23.08 2.03 5.67
C ALA C 186 21.95 2.88 5.04
N ARG C 187 21.35 3.78 5.81
CA ARG C 187 20.34 4.65 5.21
C ARG C 187 20.89 5.35 3.98
N GLN C 188 22.12 5.82 4.05
CA GLN C 188 22.73 6.47 2.90
C GLN C 188 22.96 5.44 1.81
N THR C 189 23.50 4.27 2.19
CA THR C 189 23.77 3.21 1.24
C THR C 189 22.51 2.92 0.44
N ALA C 190 21.37 2.80 1.12
CA ALA C 190 20.11 2.45 0.46
C ALA C 190 19.74 3.50 -0.58
N SER C 191 19.89 4.78 -0.22
CA SER C 191 19.58 5.85 -1.14
C SER C 191 20.51 5.83 -2.34
N GLU C 192 21.81 5.71 -2.07
CA GLU C 192 22.83 5.52 -3.12
C GLU C 192 22.53 4.35 -4.08
N TYR C 193 22.05 3.22 -3.57
CA TYR C 193 21.80 2.07 -4.44
C TYR C 193 20.57 2.35 -5.28
N ALA C 194 19.58 2.97 -4.65
CA ALA C 194 18.29 3.26 -5.29
C ALA C 194 18.43 4.33 -6.37
N ASP C 195 19.12 5.42 -6.06
CA ASP C 195 19.37 6.43 -7.07
C ASP C 195 20.09 5.80 -8.24
N ALA C 196 21.07 4.96 -7.94
CA ALA C 196 21.91 4.40 -8.98
C ALA C 196 21.09 3.50 -9.91
N MSE C 197 20.14 2.77 -9.34
CA MSE C 197 19.33 1.86 -10.12
C MSE C 197 18.18 2.57 -10.82
O MSE C 197 17.98 2.38 -12.02
CB MSE C 197 18.81 0.72 -9.27
CG MSE C 197 19.91 -0.15 -8.70
SE MSE C 197 21.14 -0.95 -10.02
CE MSE C 197 19.77 -1.84 -11.14
N LEU C 198 17.45 3.40 -10.07
CA LEU C 198 16.21 3.95 -10.56
C LEU C 198 16.35 5.31 -11.20
N GLN C 199 17.47 5.98 -10.96
CA GLN C 199 17.53 7.43 -11.15
C GLN C 199 18.94 7.96 -11.46
N THR D 11 49.64 -34.27 21.36
CA THR D 11 48.50 -34.08 20.41
C THR D 11 47.48 -33.04 20.93
N PHE D 12 47.92 -31.78 21.02
CA PHE D 12 47.08 -30.67 21.47
C PHE D 12 46.47 -29.95 20.23
N SER D 13 47.33 -29.63 19.25
CA SER D 13 46.88 -29.19 17.94
C SER D 13 45.91 -30.21 17.37
N ASP D 14 46.29 -31.49 17.45
CA ASP D 14 45.51 -32.58 16.85
C ASP D 14 44.12 -32.72 17.45
N GLN D 15 44.04 -32.70 18.78
CA GLN D 15 42.78 -32.95 19.45
C GLN D 15 41.88 -31.74 19.52
N THR D 16 42.41 -30.56 19.84
CA THR D 16 41.57 -29.34 19.79
C THR D 16 40.94 -29.21 18.40
N GLU D 17 41.70 -29.55 17.36
CA GLU D 17 41.19 -29.60 16.01
C GLU D 17 39.97 -30.49 15.92
N GLU D 18 40.10 -31.71 16.43
CA GLU D 18 39.07 -32.72 16.29
C GLU D 18 37.79 -32.32 17.02
N ILE D 19 37.97 -31.65 18.16
CA ILE D 19 36.89 -31.10 18.94
C ILE D 19 36.15 -30.00 18.17
N MSE D 20 36.87 -29.04 17.59
CA MSE D 20 36.27 -27.98 16.75
C MSE D 20 35.33 -28.48 15.65
O MSE D 20 34.21 -27.97 15.48
CB MSE D 20 37.37 -27.13 16.09
CG MSE D 20 38.30 -26.42 17.05
SE MSE D 20 37.43 -25.03 18.09
CE MSE D 20 36.75 -26.09 19.58
N GLN D 21 35.81 -29.45 14.90
CA GLN D 21 35.03 -30.07 13.84
C GLN D 21 33.87 -30.82 14.46
N ALA D 22 34.13 -31.48 15.58
CA ALA D 22 33.08 -32.14 16.32
C ALA D 22 31.99 -31.17 16.75
N THR D 23 32.38 -29.97 17.17
CA THR D 23 31.37 -29.00 17.59
C THR D 23 30.68 -28.46 16.35
N TYR D 24 31.44 -28.35 15.26
CA TYR D 24 30.91 -28.01 13.94
C TYR D 24 29.69 -28.88 13.64
N ARG D 25 29.90 -30.19 13.57
CA ARG D 25 28.83 -31.14 13.22
C ARG D 25 27.67 -31.10 14.21
N ALA D 26 27.99 -30.79 15.47
CA ALA D 26 27.00 -30.74 16.54
C ALA D 26 26.12 -29.49 16.49
N LEU D 27 26.73 -28.33 16.31
CA LEU D 27 26.00 -27.06 16.21
C LEU D 27 25.22 -27.09 14.91
N ARG D 28 25.72 -27.93 14.03
CA ARG D 28 25.16 -28.10 12.72
C ARG D 28 23.89 -28.91 12.75
N GLU D 29 23.53 -29.37 13.94
CA GLU D 29 22.32 -30.15 14.09
C GLU D 29 21.59 -29.94 15.39
N HIS D 30 21.78 -28.80 16.03
CA HIS D 30 20.98 -28.40 17.19
C HIS D 30 20.86 -26.90 17.38
N GLY D 31 21.82 -26.16 16.83
CA GLY D 31 21.86 -24.73 17.01
C GLY D 31 22.35 -24.34 18.40
N TYR D 32 22.90 -23.13 18.50
CA TYR D 32 23.38 -22.57 19.76
C TYR D 32 22.40 -22.90 20.88
N ALA D 33 21.13 -22.97 20.51
CA ALA D 33 20.04 -23.31 21.41
C ALA D 33 20.30 -24.62 22.12
N ASP D 34 20.14 -25.74 21.41
CA ASP D 34 20.17 -27.06 22.06
C ASP D 34 21.56 -27.72 22.06
N LEU D 35 22.60 -26.89 22.04
CA LEU D 35 23.96 -27.37 22.04
C LEU D 35 24.42 -27.66 23.47
N THR D 36 25.05 -28.81 23.64
CA THR D 36 25.63 -29.20 24.93
C THR D 36 27.04 -29.73 24.73
N ILE D 37 27.80 -29.81 25.81
CA ILE D 37 29.07 -30.49 25.76
C ILE D 37 28.81 -31.95 25.39
N GLN D 38 27.78 -32.54 25.99
CA GLN D 38 27.41 -33.92 25.67
C GLN D 38 27.41 -34.21 24.16
N ARG D 39 26.71 -33.37 23.41
CA ARG D 39 26.59 -33.57 21.99
C ARG D 39 27.92 -33.33 21.25
N ILE D 40 28.77 -32.50 21.83
CA ILE D 40 30.09 -32.24 21.28
C ILE D 40 31.00 -33.45 21.56
N ALA D 41 30.92 -33.97 22.77
CA ALA D 41 31.59 -35.21 23.12
C ALA D 41 31.10 -36.36 22.23
N ASP D 42 29.79 -36.37 21.98
CA ASP D 42 29.19 -37.36 21.10
C ASP D 42 29.78 -37.36 19.69
N GLU D 43 29.96 -36.17 19.10
CA GLU D 43 30.50 -36.08 17.76
C GLU D 43 32.01 -36.38 17.78
N TYR D 44 32.64 -36.06 18.91
CA TYR D 44 34.08 -36.21 19.06
C TYR D 44 34.48 -37.67 19.27
N GLY D 45 33.59 -38.47 19.86
CA GLY D 45 33.82 -39.90 20.01
C GLY D 45 34.46 -40.30 21.34
N LYS D 46 34.58 -39.34 22.26
CA LYS D 46 35.11 -39.62 23.59
C LYS D 46 34.14 -39.07 24.62
N SER D 47 34.46 -39.26 25.89
CA SER D 47 33.60 -38.82 26.99
C SER D 47 33.57 -37.31 27.07
N THR D 48 32.58 -36.78 27.80
CA THR D 48 32.50 -35.36 28.07
C THR D 48 33.71 -34.92 28.91
N ALA D 49 34.34 -35.88 29.60
CA ALA D 49 35.57 -35.60 30.34
C ALA D 49 36.75 -35.24 29.42
N ALA D 50 36.87 -35.94 28.29
CA ALA D 50 37.91 -35.61 27.33
C ALA D 50 37.72 -34.24 26.71
N VAL D 51 36.48 -33.77 26.60
CA VAL D 51 36.24 -32.41 26.08
C VAL D 51 36.62 -31.42 27.17
N HIS D 52 36.20 -31.71 28.40
CA HIS D 52 36.50 -30.81 29.49
C HIS D 52 38.00 -30.70 29.78
N TYR D 53 38.77 -31.67 29.30
CA TYR D 53 40.22 -31.61 29.44
C TYR D 53 40.78 -30.36 28.75
N TYR D 54 40.18 -29.97 27.62
CA TYR D 54 40.63 -28.77 26.88
C TYR D 54 39.81 -27.52 27.14
N TYR D 55 38.53 -27.70 27.48
CA TYR D 55 37.63 -26.58 27.70
C TYR D 55 36.82 -26.82 28.96
N ASP D 56 36.86 -25.84 29.86
CA ASP D 56 36.17 -25.88 31.16
C ASP D 56 34.66 -25.92 30.98
N THR D 57 34.19 -25.11 30.03
CA THR D 57 32.75 -24.82 29.84
C THR D 57 32.43 -24.61 28.38
N LYS D 58 31.22 -25.04 28.01
CA LYS D 58 30.58 -24.71 26.73
C LYS D 58 30.95 -23.30 26.23
N ASP D 59 31.09 -22.36 27.16
CA ASP D 59 31.49 -20.99 26.85
C ASP D 59 32.90 -20.90 26.30
N ASP D 60 33.84 -21.47 27.05
CA ASP D 60 35.24 -21.47 26.65
C ASP D 60 35.35 -22.12 25.29
N LEU D 61 34.69 -23.27 25.14
CA LEU D 61 34.72 -23.99 23.89
C LEU D 61 34.22 -23.09 22.78
N LEU D 62 33.01 -22.56 22.94
CA LEU D 62 32.40 -21.76 21.90
C LEU D 62 33.24 -20.57 21.44
N ALA D 63 34.01 -20.00 22.37
CA ALA D 63 34.98 -18.96 22.02
C ALA D 63 36.09 -19.50 21.11
N ALA D 64 36.70 -20.64 21.49
CA ALA D 64 37.70 -21.28 20.64
C ALA D 64 37.13 -21.49 19.24
N PHE D 65 35.90 -22.00 19.19
CA PHE D 65 35.14 -22.20 17.96
C PHE D 65 34.95 -20.92 17.14
N LEU D 66 34.51 -19.82 17.75
CA LEU D 66 34.34 -18.58 16.98
C LEU D 66 35.64 -18.26 16.27
N ASP D 67 36.75 -18.35 17.03
CA ASP D 67 38.08 -18.03 16.52
C ASP D 67 38.43 -18.93 15.35
N TYR D 68 38.13 -20.23 15.51
CA TYR D 68 38.27 -21.22 14.46
C TYR D 68 37.52 -20.85 13.17
N LEU D 69 36.31 -20.33 13.30
CA LEU D 69 35.56 -19.91 12.11
C LEU D 69 36.25 -18.72 11.46
N LEU D 70 36.08 -17.53 12.07
CA LEU D 70 36.88 -16.35 11.75
C LEU D 70 38.24 -16.71 11.12
N GLU D 71 39.17 -17.27 11.88
CA GLU D 71 40.45 -17.65 11.28
C GLU D 71 40.29 -18.17 9.84
N ARG D 72 39.56 -19.28 9.66
CA ARG D 72 39.30 -19.87 8.33
C ARG D 72 38.76 -18.91 7.27
N PHE D 73 37.96 -17.94 7.70
CA PHE D 73 37.53 -16.88 6.81
C PHE D 73 38.75 -16.16 6.30
N VAL D 74 39.62 -15.71 7.21
CA VAL D 74 40.73 -14.85 6.81
C VAL D 74 41.79 -15.62 6.05
N ASP D 75 41.76 -16.94 6.16
CA ASP D 75 42.56 -17.77 5.29
C ASP D 75 42.05 -17.67 3.86
N SER D 76 40.75 -17.43 3.71
CA SER D 76 40.13 -17.41 2.38
C SER D 76 40.23 -16.05 1.68
N ILE D 77 40.11 -14.94 2.40
CA ILE D 77 40.39 -13.64 1.77
C ILE D 77 41.88 -13.59 1.39
N HIS D 78 42.73 -14.14 2.26
CA HIS D 78 44.16 -14.18 1.98
C HIS D 78 44.54 -14.98 0.73
N ASP D 79 43.69 -15.95 0.34
CA ASP D 79 43.93 -16.74 -0.89
C ASP D 79 43.39 -16.06 -2.17
N VAL D 80 43.06 -14.77 -2.05
CA VAL D 80 42.89 -13.92 -3.23
C VAL D 80 44.18 -13.11 -3.39
N GLU D 81 44.80 -13.20 -4.58
CA GLU D 81 46.24 -12.86 -4.72
C GLU D 81 46.62 -11.57 -5.49
N THR D 82 45.88 -11.27 -6.55
CA THR D 82 46.28 -10.18 -7.47
C THR D 82 46.39 -8.83 -6.77
N THR D 83 47.20 -7.93 -7.36
CA THR D 83 47.20 -6.50 -6.93
C THR D 83 46.35 -5.61 -7.88
N ASP D 84 46.07 -6.08 -9.11
CA ASP D 84 45.16 -5.44 -10.10
C ASP D 84 43.78 -5.14 -9.48
N PRO D 85 43.46 -3.85 -9.27
CA PRO D 85 42.38 -3.48 -8.35
C PRO D 85 40.93 -3.84 -8.75
N GLU D 86 40.55 -3.74 -10.02
CA GLU D 86 39.19 -4.15 -10.40
C GLU D 86 38.99 -5.66 -10.18
N ALA D 87 39.94 -6.45 -10.69
CA ALA D 87 39.91 -7.89 -10.49
C ALA D 87 40.02 -8.25 -9.01
N ARG D 88 40.88 -7.54 -8.27
CA ARG D 88 41.03 -7.78 -6.83
C ARG D 88 39.71 -7.53 -6.09
N LEU D 89 39.00 -6.48 -6.46
CA LEU D 89 37.74 -6.21 -5.81
C LEU D 89 36.72 -7.32 -6.11
N ASN D 90 36.61 -7.71 -7.37
CA ASN D 90 35.68 -8.75 -7.76
C ASN D 90 35.95 -10.07 -7.08
N LEU D 91 37.24 -10.42 -6.96
CA LEU D 91 37.63 -11.67 -6.34
C LEU D 91 37.26 -11.75 -4.87
N LEU D 92 37.55 -10.68 -4.11
CA LEU D 92 37.19 -10.59 -2.70
C LEU D 92 35.69 -10.72 -2.54
N LEU D 93 34.98 -10.03 -3.42
CA LEU D 93 33.54 -10.15 -3.44
C LEU D 93 33.12 -11.59 -3.68
N ASP D 94 33.73 -12.25 -4.67
CA ASP D 94 33.42 -13.65 -4.90
C ASP D 94 33.68 -14.44 -3.63
N GLU D 95 34.78 -14.16 -2.95
CA GLU D 95 35.11 -14.90 -1.75
C GLU D 95 34.09 -14.72 -0.64
N LEU D 96 33.62 -13.48 -0.51
CA LEU D 96 32.77 -13.11 0.61
C LEU D 96 31.35 -13.59 0.39
N LEU D 97 30.98 -13.78 -0.87
CA LEU D 97 29.58 -14.06 -1.19
C LEU D 97 29.29 -15.24 -2.11
N VAL D 98 30.22 -15.60 -2.98
CA VAL D 98 29.96 -16.70 -3.91
C VAL D 98 30.44 -18.02 -3.33
N LYS D 99 31.69 -18.05 -2.83
CA LYS D 99 32.22 -19.25 -2.17
C LYS D 99 31.27 -19.85 -1.11
N PRO D 100 30.74 -19.01 -0.17
CA PRO D 100 29.79 -19.51 0.84
C PRO D 100 28.50 -20.19 0.28
N GLN D 101 28.36 -20.24 -1.04
CA GLN D 101 27.29 -21.03 -1.66
C GLN D 101 27.60 -22.54 -1.66
N GLU D 102 28.88 -22.90 -1.49
CA GLU D 102 29.31 -24.30 -1.38
C GLU D 102 28.93 -24.87 -0.01
N ASN D 103 29.33 -24.19 1.07
CA ASN D 103 29.07 -24.62 2.45
C ASN D 103 28.03 -23.74 3.17
N PRO D 104 26.74 -24.14 3.13
CA PRO D 104 25.65 -23.36 3.74
C PRO D 104 25.43 -23.75 5.21
N ASP D 105 26.38 -24.49 5.77
CA ASP D 105 26.40 -24.76 7.19
C ASP D 105 27.08 -23.61 7.95
N LEU D 106 28.01 -22.91 7.27
CA LEU D 106 28.82 -21.87 7.91
C LEU D 106 28.09 -20.56 8.23
N SER D 107 27.09 -20.21 7.44
CA SER D 107 26.39 -18.95 7.69
C SER D 107 25.35 -19.09 8.78
N VAL D 108 24.79 -20.29 8.93
CA VAL D 108 23.88 -20.59 10.05
C VAL D 108 24.66 -20.53 11.36
N ALA D 109 25.92 -20.97 11.32
CA ALA D 109 26.78 -20.94 12.47
C ALA D 109 27.06 -19.52 12.92
N LEU D 110 27.64 -18.72 12.03
CA LEU D 110 28.09 -17.38 12.40
C LEU D 110 26.93 -16.44 12.77
N LEU D 111 25.75 -16.67 12.19
CA LEU D 111 24.54 -15.93 12.54
C LEU D 111 24.15 -16.16 14.01
N GLU D 112 24.39 -17.37 14.49
CA GLU D 112 24.00 -17.69 15.85
C GLU D 112 25.00 -17.19 16.88
N MSE D 113 26.28 -17.13 16.50
CA MSE D 113 27.30 -16.48 17.30
C MSE D 113 27.03 -14.98 17.30
O MSE D 113 27.07 -14.32 18.35
CB MSE D 113 28.69 -16.73 16.71
CG MSE D 113 29.01 -18.19 16.44
SE MSE D 113 29.27 -19.23 18.04
CE MSE D 113 28.97 -20.97 17.24
N ARG D 114 26.74 -14.45 16.12
CA ARG D 114 26.45 -13.04 15.95
C ARG D 114 25.31 -12.57 16.82
N SER D 115 24.35 -13.46 17.07
CA SER D 115 23.17 -13.12 17.85
C SER D 115 23.48 -13.08 19.36
N GLN D 116 24.61 -13.64 19.74
CA GLN D 116 24.99 -13.69 21.15
C GLN D 116 26.07 -12.67 21.48
N ALA D 117 26.46 -11.93 20.44
CA ALA D 117 27.36 -10.78 20.59
C ALA D 117 26.90 -9.82 21.69
N PRO D 118 25.60 -9.46 21.72
CA PRO D 118 25.01 -8.62 22.76
C PRO D 118 25.21 -9.07 24.19
N TYR D 119 25.29 -10.38 24.41
CA TYR D 119 25.35 -10.96 25.78
C TYR D 119 26.73 -11.42 26.16
N LYS D 120 27.61 -11.51 25.17
CA LYS D 120 28.97 -11.98 25.39
C LYS D 120 29.96 -10.96 24.89
N GLU D 121 30.55 -10.23 25.84
CA GLU D 121 31.53 -9.18 25.55
C GLU D 121 32.70 -9.77 24.77
N ALA D 122 33.02 -11.02 25.11
CA ALA D 122 33.96 -11.84 24.34
C ALA D 122 33.65 -11.88 22.82
N PHE D 123 32.44 -12.35 22.47
CA PHE D 123 32.07 -12.52 21.06
C PHE D 123 32.03 -11.18 20.38
N SER D 124 31.41 -10.22 21.06
CA SER D 124 31.42 -8.82 20.63
C SER D 124 32.83 -8.45 20.24
N ASP D 125 33.79 -8.72 21.13
CA ASP D 125 35.19 -8.38 20.87
C ASP D 125 35.76 -8.94 19.55
N ARG D 126 35.57 -10.24 19.29
CA ARG D 126 36.14 -10.93 18.13
C ARG D 126 35.56 -10.47 16.80
N PHE D 127 34.24 -10.39 16.72
CA PHE D 127 33.57 -9.90 15.51
C PHE D 127 34.03 -8.50 15.15
N ARG D 128 34.13 -7.65 16.17
CA ARG D 128 34.47 -6.24 15.96
C ARG D 128 35.86 -6.14 15.39
N GLN D 129 36.80 -6.81 16.03
CA GLN D 129 38.18 -6.81 15.56
C GLN D 129 38.29 -7.46 14.18
N ASN D 130 37.60 -8.57 13.96
CA ASN D 130 37.55 -9.20 12.64
C ASN D 130 37.04 -8.27 11.53
N ASP D 131 35.96 -7.55 11.84
CA ASP D 131 35.34 -6.62 10.90
C ASP D 131 36.29 -5.51 10.49
N GLU D 132 37.03 -5.00 11.47
CA GLU D 132 38.02 -3.96 11.21
C GLU D 132 39.04 -4.41 10.20
N TYR D 133 39.46 -5.66 10.36
CA TYR D 133 40.44 -6.23 9.46
C TYR D 133 39.86 -6.42 8.05
N VAL D 134 38.66 -7.00 7.93
CA VAL D 134 38.04 -7.16 6.61
C VAL D 134 37.81 -5.79 5.97
N ARG D 135 37.26 -4.87 6.74
CA ARG D 135 37.16 -3.49 6.26
C ARG D 135 38.50 -2.93 5.75
N TYR D 136 39.57 -3.18 6.49
CA TYR D 136 40.90 -2.71 6.13
C TYR D 136 41.35 -3.24 4.75
N MSE D 137 41.16 -4.54 4.53
CA MSE D 137 41.68 -5.16 3.32
C MSE D 137 40.84 -4.78 2.12
O MSE D 137 41.36 -4.52 1.03
CB MSE D 137 41.87 -6.66 3.48
CG MSE D 137 43.06 -7.03 4.43
SE MSE D 137 44.98 -7.07 3.81
CE MSE D 137 44.91 -6.02 2.13
N LEU D 138 39.54 -4.67 2.33
CA LEU D 138 38.65 -4.25 1.26
C LEU D 138 38.85 -2.75 0.89
N LYS D 139 38.97 -1.90 1.90
CA LYS D 139 39.26 -0.48 1.68
C LYS D 139 40.65 -0.25 1.10
N ALA D 140 41.60 -1.09 1.49
CA ALA D 140 42.92 -1.05 0.88
C ALA D 140 42.82 -1.15 -0.64
N VAL D 141 41.92 -2.03 -1.12
CA VAL D 141 41.86 -2.27 -2.56
C VAL D 141 41.11 -1.17 -3.26
N ILE D 142 40.03 -0.67 -2.64
CA ILE D 142 39.33 0.50 -3.18
C ILE D 142 40.31 1.65 -3.36
N ASN D 143 41.08 1.96 -2.31
CA ASN D 143 42.12 2.99 -2.40
C ASN D 143 43.13 2.79 -3.52
N HIS D 144 43.67 1.56 -3.62
CA HIS D 144 44.68 1.26 -4.65
C HIS D 144 44.14 1.64 -6.04
N GLY D 145 42.87 1.27 -6.30
CA GLY D 145 42.20 1.56 -7.54
C GLY D 145 41.86 3.02 -7.76
N ILE D 146 41.63 3.78 -6.69
CA ILE D 146 41.60 5.25 -6.90
C ILE D 146 43.01 5.74 -7.32
N ASP D 147 44.05 5.23 -6.68
CA ASP D 147 45.41 5.65 -7.00
C ASP D 147 45.82 5.26 -8.41
N GLU D 148 45.41 4.06 -8.83
CA GLU D 148 45.68 3.59 -10.18
C GLU D 148 44.75 4.27 -11.22
N GLY D 149 43.75 5.01 -10.73
CA GLY D 149 42.85 5.78 -11.60
C GLY D 149 41.69 5.01 -12.18
N VAL D 150 41.52 3.74 -11.81
CA VAL D 150 40.41 2.93 -12.34
C VAL D 150 39.11 3.12 -11.55
N PHE D 151 39.21 3.57 -10.32
CA PHE D 151 38.01 3.91 -9.53
C PHE D 151 37.94 5.41 -9.25
N THR D 152 36.72 5.94 -9.26
CA THR D 152 36.46 7.32 -8.91
C THR D 152 36.87 7.65 -7.46
N ASP D 153 37.27 8.90 -7.22
CA ASP D 153 37.73 9.34 -5.90
C ASP D 153 36.55 9.42 -4.94
N VAL D 154 36.28 8.29 -4.33
CA VAL D 154 35.07 8.04 -3.60
C VAL D 154 35.44 8.14 -2.12
N ASP D 155 34.45 8.25 -1.23
CA ASP D 155 34.70 8.05 0.19
C ASP D 155 34.93 6.56 0.43
N ALA D 156 36.19 6.14 0.38
CA ALA D 156 36.51 4.72 0.42
C ALA D 156 35.96 3.99 1.65
N GLU D 157 35.97 4.62 2.82
CA GLU D 157 35.53 3.84 3.95
C GLU D 157 34.02 3.66 4.00
N HIS D 158 33.29 4.66 3.48
CA HIS D 158 31.86 4.49 3.28
C HIS D 158 31.54 3.39 2.26
N VAL D 159 32.22 3.40 1.13
CA VAL D 159 31.93 2.41 0.11
C VAL D 159 32.20 0.99 0.62
N THR D 160 33.41 0.77 1.15
CA THR D 160 33.75 -0.48 1.85
C THR D 160 32.63 -0.99 2.78
N ARG D 161 32.18 -0.12 3.67
CA ARG D 161 31.23 -0.49 4.66
C ARG D 161 29.90 -0.84 4.00
N SER D 162 29.54 -0.09 2.97
CA SER D 162 28.32 -0.37 2.22
C SER D 162 28.43 -1.76 1.67
N LEU D 163 29.59 -2.11 1.10
CA LEU D 163 29.80 -3.45 0.57
C LEU D 163 29.60 -4.52 1.68
N LEU D 164 30.16 -4.25 2.84
CA LEU D 164 30.02 -5.15 3.98
C LEU D 164 28.60 -5.20 4.51
N THR D 165 27.83 -4.16 4.27
CA THR D 165 26.44 -4.18 4.73
C THR D 165 25.60 -5.05 3.82
N ILE D 166 25.97 -5.11 2.55
CA ILE D 166 25.27 -5.97 1.59
C ILE D 166 25.53 -7.43 1.89
N ILE D 167 26.80 -7.70 2.21
CA ILE D 167 27.29 -9.03 2.52
C ILE D 167 26.70 -9.59 3.83
N ASP D 168 26.67 -8.81 4.90
CA ASP D 168 26.09 -9.33 6.11
C ASP D 168 24.59 -9.48 5.99
N GLY D 169 23.99 -8.59 5.22
CA GLY D 169 22.59 -8.69 4.85
C GLY D 169 22.33 -10.01 4.18
N ALA D 170 23.12 -10.35 3.15
CA ALA D 170 22.94 -11.66 2.49
C ALA D 170 23.04 -12.81 3.48
N ARG D 171 24.06 -12.79 4.33
CA ARG D 171 24.24 -13.86 5.30
C ARG D 171 23.00 -14.05 6.18
N THR D 172 22.45 -12.95 6.67
CA THR D 172 21.29 -12.98 7.55
C THR D 172 20.09 -13.46 6.81
N ARG D 173 19.93 -13.05 5.56
CA ARG D 173 18.76 -13.43 4.80
C ARG D 173 18.85 -14.88 4.37
N ALA D 174 20.06 -15.31 4.02
CA ALA D 174 20.25 -16.65 3.53
C ALA D 174 19.76 -17.67 4.52
N VAL D 175 20.04 -17.47 5.81
CA VAL D 175 19.55 -18.43 6.80
C VAL D 175 18.06 -18.21 7.00
N MSE D 176 17.69 -16.99 7.40
CA MSE D 176 16.32 -16.59 7.71
C MSE D 176 15.29 -17.18 6.74
O MSE D 176 14.20 -17.59 7.17
CB MSE D 176 16.23 -15.06 7.72
CG MSE D 176 15.09 -14.49 8.54
SE MSE D 176 13.97 -13.12 7.62
CE MSE D 176 15.36 -12.10 6.69
N LEU D 177 15.63 -17.24 5.46
CA LEU D 177 14.73 -17.72 4.42
C LEU D 177 15.10 -19.07 3.86
N ASP D 178 16.21 -19.63 4.34
CA ASP D 178 16.67 -20.99 3.97
C ASP D 178 16.91 -21.07 2.47
N ASP D 179 17.56 -20.05 1.94
CA ASP D 179 17.80 -19.93 0.52
C ASP D 179 19.19 -19.36 0.26
N THR D 180 20.04 -20.11 -0.43
CA THR D 180 21.37 -19.58 -0.78
C THR D 180 21.31 -18.66 -1.99
N GLU D 181 20.25 -18.78 -2.79
CA GLU D 181 19.97 -17.82 -3.87
C GLU D 181 20.10 -16.38 -3.35
N GLU D 182 19.75 -16.20 -2.09
CA GLU D 182 19.86 -14.91 -1.40
C GLU D 182 21.28 -14.35 -1.36
N LEU D 183 22.28 -15.21 -1.51
CA LEU D 183 23.70 -14.80 -1.65
C LEU D 183 24.08 -14.49 -3.10
N GLU D 184 23.56 -15.26 -4.06
CA GLU D 184 23.77 -14.96 -5.47
C GLU D 184 23.21 -13.58 -5.85
N THR D 185 22.05 -13.23 -5.32
CA THR D 185 21.48 -11.94 -5.63
C THR D 185 22.33 -10.88 -4.96
N ALA D 186 22.73 -11.11 -3.72
CA ALA D 186 23.58 -10.13 -3.07
C ALA D 186 24.90 -9.89 -3.82
N ARG D 187 25.44 -10.92 -4.46
CA ARG D 187 26.65 -10.75 -5.24
C ARG D 187 26.37 -9.76 -6.36
N GLN D 188 25.23 -9.94 -7.03
CA GLN D 188 24.84 -9.01 -8.08
C GLN D 188 24.68 -7.61 -7.49
N THR D 189 23.96 -7.52 -6.37
CA THR D 189 23.82 -6.25 -5.69
C THR D 189 25.18 -5.65 -5.46
N ALA D 190 26.13 -6.45 -4.96
CA ALA D 190 27.45 -5.89 -4.64
C ALA D 190 28.12 -5.31 -5.87
N SER D 191 28.08 -6.04 -6.98
CA SER D 191 28.62 -5.52 -8.23
C SER D 191 27.89 -4.28 -8.71
N GLU D 192 26.57 -4.24 -8.55
CA GLU D 192 25.81 -3.07 -8.96
C GLU D 192 26.24 -1.85 -8.17
N TYR D 193 26.40 -2.02 -6.86
CA TYR D 193 26.77 -0.90 -6.00
C TYR D 193 28.22 -0.46 -6.25
N ALA D 194 29.14 -1.43 -6.32
CA ALA D 194 30.57 -1.15 -6.59
C ALA D 194 30.71 -0.41 -7.90
N ASP D 195 30.03 -0.88 -8.94
CA ASP D 195 30.15 -0.27 -10.23
C ASP D 195 29.58 1.11 -10.22
N ALA D 196 28.46 1.30 -9.54
CA ALA D 196 27.84 2.62 -9.50
C ALA D 196 28.67 3.65 -8.69
N MSE D 197 29.36 3.23 -7.64
CA MSE D 197 30.10 4.19 -6.83
C MSE D 197 31.46 4.52 -7.44
O MSE D 197 31.83 5.69 -7.57
CB MSE D 197 30.24 3.70 -5.40
CG MSE D 197 28.92 3.53 -4.67
SE MSE D 197 28.03 5.25 -4.41
CE MSE D 197 27.06 5.45 -6.09
N LEU D 198 32.17 3.45 -7.81
CA LEU D 198 33.55 3.46 -8.24
C LEU D 198 33.74 3.71 -9.72
N GLN D 199 32.95 3.07 -10.56
CA GLN D 199 33.18 3.22 -11.99
C GLN D 199 32.03 3.98 -12.64
CL CL E . -27.69 13.29 -20.76
#